data_8DWK
#
_entry.id   8DWK
#
_cell.length_a   91.373
_cell.length_b   91.373
_cell.length_c   196.396
_cell.angle_alpha   90.000
_cell.angle_beta   90.000
_cell.angle_gamma   90.000
#
_symmetry.space_group_name_H-M   'P 41 21 2'
#
loop_
_entity.id
_entity.type
_entity.pdbx_description
1 polymer 'Serine/threonine-protein phosphatase PP1-alpha catalytic subunit'
2 polymer 'E3 ubiquitin-protein ligase PPP1R11'
3 non-polymer 'MANGANESE (II) ION'
4 water water
#
loop_
_entity_poly.entity_id
_entity_poly.type
_entity_poly.pdbx_seq_one_letter_code
_entity_poly.pdbx_strand_id
1 'polypeptide(L)'
;GHMGSLNLDSIIGRLLEVQGSRPGKNVQLTENEIRGLCLKSREIFLSQPILLELEAPLKICGDIHGQYYDLLRLFEYGGF
PPESNYLFLGDYVDRGKQSLETICLLLAYKIKYPENFFLLRGNHECASINRIYGFYDECKRRYNIKLWKTFTDCFNCLPI
AAIVDEKIFCCHGGLSPDLQSMEQIRRIMRPTDVPDQGLLCDLLWSDPDKDVQGWGENDRGVSFTFGAEVVAKFLHKHDL
DLICRAHQVVEDGYEFFAKRQLVTLFSAPNYCGEFDNAGAMMSVDETLMCSFQILKPAD
;
A,B
2 'polypeptide(L)' GAMGSLTIKLRKRKPEKKVEWTSDTVDNEHMGRRSSKCCCIYEKPR C,D
#
loop_
_chem_comp.id
_chem_comp.type
_chem_comp.name
_chem_comp.formula
MN non-polymer 'MANGANESE (II) ION' 'Mn 2'
#
# COMPACT_ATOMS: atom_id res chain seq x y z
N SER A 5 -26.45 -22.12 12.44
CA SER A 5 -25.58 -21.54 13.46
C SER A 5 -25.45 -20.02 13.29
N LEU A 6 -25.55 -19.57 12.04
CA LEU A 6 -25.41 -18.15 11.73
C LEU A 6 -26.79 -17.50 11.85
N ASN A 7 -26.99 -16.74 12.93
CA ASN A 7 -28.25 -16.04 13.17
C ASN A 7 -28.25 -14.77 12.33
N LEU A 8 -28.61 -14.94 11.05
CA LEU A 8 -28.49 -13.84 10.09
C LEU A 8 -29.49 -12.72 10.39
N ASP A 9 -30.73 -13.08 10.74
CA ASP A 9 -31.76 -12.06 10.94
C ASP A 9 -31.50 -11.23 12.18
N SER A 10 -30.85 -11.80 13.19
CA SER A 10 -30.48 -11.01 14.37
C SER A 10 -29.33 -10.07 14.06
N ILE A 11 -28.36 -10.52 13.26
CA ILE A 11 -27.25 -9.66 12.84
C ILE A 11 -27.78 -8.47 12.05
N ILE A 12 -28.63 -8.73 11.06
CA ILE A 12 -29.19 -7.67 10.24
C ILE A 12 -30.02 -6.72 11.10
N GLY A 13 -30.80 -7.26 12.03
CA GLY A 13 -31.61 -6.41 12.89
C GLY A 13 -30.78 -5.49 13.76
N ARG A 14 -29.67 -6.01 14.30
CA ARG A 14 -28.79 -5.16 15.11
C ARG A 14 -28.08 -4.13 14.24
N LEU A 15 -27.72 -4.50 13.01
CA LEU A 15 -27.06 -3.55 12.11
C LEU A 15 -28.02 -2.44 11.68
N LEU A 16 -29.31 -2.74 11.57
CA LEU A 16 -30.30 -1.75 11.18
C LEU A 16 -30.90 -1.00 12.36
N GLU A 17 -30.50 -1.33 13.59
CA GLU A 17 -31.05 -0.63 14.75
C GLU A 17 -30.63 0.83 14.77
N VAL A 18 -29.39 1.13 14.37
CA VAL A 18 -28.90 2.51 14.35
C VAL A 18 -29.49 3.33 13.22
N GLN A 19 -30.42 2.77 12.45
CA GLN A 19 -31.18 3.56 11.49
C GLN A 19 -32.00 4.62 12.24
N GLY A 20 -31.95 5.85 11.76
CA GLY A 20 -32.61 6.93 12.45
C GLY A 20 -31.74 7.68 13.45
N SER A 21 -30.49 7.27 13.62
CA SER A 21 -29.59 7.90 14.58
C SER A 21 -28.68 8.90 13.88
N ARG A 22 -28.03 9.73 14.70
CA ARG A 22 -27.05 10.66 14.19
C ARG A 22 -25.85 9.88 13.63
N PRO A 23 -25.25 10.34 12.54
CA PRO A 23 -24.16 9.59 11.90
C PRO A 23 -23.00 9.36 12.87
N GLY A 24 -22.72 8.08 13.15
CA GLY A 24 -21.56 7.73 13.95
C GLY A 24 -21.80 6.67 15.00
N LYS A 25 -23.04 6.21 15.15
CA LYS A 25 -23.34 5.19 16.17
C LYS A 25 -22.86 3.82 15.69
N ASN A 26 -22.08 3.15 16.52
CA ASN A 26 -21.45 1.89 16.16
C ASN A 26 -22.37 0.71 16.44
N VAL A 27 -22.11 -0.38 15.71
CA VAL A 27 -22.73 -1.68 15.96
C VAL A 27 -21.58 -2.67 16.11
N GLN A 28 -21.43 -3.23 17.31
CA GLN A 28 -20.32 -4.11 17.64
C GLN A 28 -20.83 -5.55 17.66
N LEU A 29 -20.74 -6.21 16.51
CA LEU A 29 -21.07 -7.63 16.44
C LEU A 29 -19.98 -8.45 17.11
N THR A 30 -20.27 -9.73 17.34
CA THR A 30 -19.27 -10.61 17.91
C THR A 30 -18.29 -11.06 16.83
N GLU A 31 -17.10 -11.45 17.27
CA GLU A 31 -16.07 -11.91 16.34
C GLU A 31 -16.54 -13.13 15.56
N ASN A 32 -17.28 -14.03 16.21
CA ASN A 32 -17.77 -15.22 15.53
C ASN A 32 -18.87 -14.90 14.52
N GLU A 33 -19.71 -13.90 14.82
CA GLU A 33 -20.74 -13.51 13.88
C GLU A 33 -20.13 -12.91 12.61
N ILE A 34 -19.09 -12.09 12.77
CA ILE A 34 -18.44 -11.50 11.61
C ILE A 34 -17.69 -12.56 10.82
N ARG A 35 -17.01 -13.47 11.52
CA ARG A 35 -16.31 -14.56 10.83
C ARG A 35 -17.29 -15.49 10.13
N GLY A 36 -18.47 -15.69 10.71
CA GLY A 36 -19.49 -16.47 10.04
C GLY A 36 -19.97 -15.82 8.75
N LEU A 37 -20.19 -14.51 8.78
CA LEU A 37 -20.59 -13.79 7.58
C LEU A 37 -19.54 -13.95 6.47
N CYS A 38 -18.26 -13.81 6.83
CA CYS A 38 -17.21 -13.89 5.82
C CYS A 38 -17.17 -15.27 5.17
N LEU A 39 -17.20 -16.33 5.97
CA LEU A 39 -17.07 -17.67 5.43
C LEU A 39 -18.27 -18.05 4.56
N LYS A 40 -19.48 -17.75 5.01
CA LYS A 40 -20.66 -18.08 4.22
C LYS A 40 -20.72 -17.25 2.95
N SER A 41 -20.33 -15.98 3.01
CA SER A 41 -20.29 -15.16 1.80
C SER A 41 -19.22 -15.66 0.84
N ARG A 42 -18.07 -16.08 1.37
CA ARG A 42 -16.98 -16.59 0.53
C ARG A 42 -17.44 -17.78 -0.31
N GLU A 43 -18.15 -18.73 0.30
CA GLU A 43 -18.60 -19.90 -0.43
C GLU A 43 -19.69 -19.55 -1.43
N ILE A 44 -20.49 -18.52 -1.15
CA ILE A 44 -21.49 -18.07 -2.12
C ILE A 44 -20.81 -17.39 -3.30
N PHE A 45 -19.75 -16.63 -3.03
CA PHE A 45 -19.00 -15.99 -4.11
C PHE A 45 -18.36 -17.02 -5.03
N LEU A 46 -17.81 -18.10 -4.46
CA LEU A 46 -17.14 -19.10 -5.26
C LEU A 46 -18.13 -19.96 -6.04
N SER A 47 -19.35 -20.12 -5.54
CA SER A 47 -20.36 -20.90 -6.27
C SER A 47 -20.92 -20.13 -7.46
N GLN A 48 -20.84 -18.81 -7.45
CA GLN A 48 -21.31 -17.96 -8.53
C GLN A 48 -20.18 -17.59 -9.46
N PRO A 49 -20.48 -17.24 -10.71
CA PRO A 49 -19.41 -16.94 -11.67
C PRO A 49 -18.62 -15.70 -11.28
N ILE A 50 -17.36 -15.67 -11.70
CA ILE A 50 -16.52 -14.50 -11.47
C ILE A 50 -16.95 -13.35 -12.38
N LEU A 51 -17.64 -13.65 -13.47
CA LEU A 51 -18.26 -12.65 -14.34
C LEU A 51 -19.77 -12.86 -14.27
N LEU A 52 -20.44 -12.01 -13.49
CA LEU A 52 -21.87 -12.18 -13.23
C LEU A 52 -22.68 -11.73 -14.43
N GLU A 53 -23.59 -12.59 -14.87
CA GLU A 53 -24.59 -12.24 -15.87
C GLU A 53 -25.88 -11.91 -15.12
N LEU A 54 -26.21 -10.63 -15.05
CA LEU A 54 -27.34 -10.15 -14.26
C LEU A 54 -28.48 -9.72 -15.17
N GLU A 55 -29.65 -9.53 -14.55
CA GLU A 55 -30.85 -9.09 -15.23
C GLU A 55 -31.44 -7.89 -14.52
N ALA A 56 -32.01 -6.97 -15.28
CA ALA A 56 -32.77 -5.88 -14.74
C ALA A 56 -34.14 -6.38 -14.28
N PRO A 57 -34.80 -5.68 -13.36
CA PRO A 57 -34.43 -4.41 -12.71
C PRO A 57 -33.45 -4.58 -11.55
N LEU A 58 -32.61 -3.57 -11.36
CA LEU A 58 -31.63 -3.56 -10.28
C LEU A 58 -31.12 -2.14 -10.10
N LYS A 59 -30.49 -1.89 -8.96
CA LYS A 59 -29.90 -0.61 -8.64
C LYS A 59 -28.40 -0.77 -8.45
N ILE A 60 -27.63 0.07 -9.11
CA ILE A 60 -26.17 0.00 -9.10
C ILE A 60 -25.62 1.15 -8.27
N CYS A 61 -24.62 0.85 -7.45
CA CYS A 61 -24.02 1.82 -6.55
C CYS A 61 -22.50 1.79 -6.66
N GLY A 62 -21.89 2.91 -6.34
CA GLY A 62 -20.44 3.08 -6.44
C GLY A 62 -19.75 2.93 -5.10
N ASP A 63 -18.72 3.75 -4.89
CA ASP A 63 -17.91 3.65 -3.68
C ASP A 63 -18.71 4.03 -2.44
N ILE A 64 -18.49 3.29 -1.37
CA ILE A 64 -19.06 3.60 -0.06
C ILE A 64 -17.99 4.04 0.92
N HIS A 65 -16.87 3.31 0.96
CA HIS A 65 -15.70 3.63 1.80
C HIS A 65 -16.10 3.85 3.26
N GLY A 66 -16.74 2.83 3.82
CA GLY A 66 -17.05 2.82 5.24
C GLY A 66 -17.99 3.88 5.74
N GLN A 67 -18.68 4.62 4.85
CA GLN A 67 -19.65 5.61 5.29
C GLN A 67 -20.99 4.90 5.47
N TYR A 68 -21.15 4.33 6.67
CA TYR A 68 -22.27 3.42 6.91
C TYR A 68 -23.60 4.15 6.92
N TYR A 69 -23.63 5.36 7.50
N TYR A 69 -23.65 5.37 7.46
CA TYR A 69 -24.85 6.15 7.55
CA TYR A 69 -24.93 6.06 7.53
C TYR A 69 -25.38 6.45 6.15
C TYR A 69 -25.41 6.50 6.14
N ASP A 70 -24.49 6.81 5.23
CA ASP A 70 -24.89 7.09 3.86
C ASP A 70 -25.29 5.83 3.11
N LEU A 71 -24.76 4.66 3.52
CA LEU A 71 -25.24 3.40 2.96
C LEU A 71 -26.69 3.15 3.36
N LEU A 72 -27.05 3.51 4.60
CA LEU A 72 -28.43 3.35 5.04
C LEU A 72 -29.35 4.34 4.35
N ARG A 73 -28.90 5.58 4.13
CA ARG A 73 -29.67 6.51 3.31
C ARG A 73 -29.91 5.93 1.93
N LEU A 74 -28.85 5.41 1.29
CA LEU A 74 -28.97 4.83 -0.03
C LEU A 74 -30.01 3.73 -0.05
N PHE A 75 -30.07 2.91 1.02
CA PHE A 75 -31.07 1.86 1.10
C PHE A 75 -32.46 2.43 1.33
N GLU A 76 -32.56 3.58 2.00
N GLU A 76 -32.56 3.58 2.00
CA GLU A 76 -33.87 4.19 2.23
CA GLU A 76 -33.87 4.18 2.22
C GLU A 76 -34.44 4.75 0.93
C GLU A 76 -34.44 4.75 0.93
N TYR A 77 -33.59 5.33 0.08
CA TYR A 77 -34.07 5.90 -1.17
C TYR A 77 -34.48 4.82 -2.16
N GLY A 78 -33.69 3.74 -2.27
CA GLY A 78 -33.96 2.72 -3.25
C GLY A 78 -34.70 1.52 -2.72
N GLY A 79 -34.91 1.48 -1.41
CA GLY A 79 -35.61 0.36 -0.80
C GLY A 79 -34.69 -0.72 -0.29
N PHE A 80 -34.80 -1.04 1.00
CA PHE A 80 -34.01 -2.10 1.57
C PHE A 80 -34.36 -3.44 0.91
N PRO A 81 -33.40 -4.35 0.78
CA PRO A 81 -33.71 -5.64 0.18
C PRO A 81 -34.74 -6.38 1.01
N PRO A 82 -35.56 -7.23 0.38
CA PRO A 82 -35.51 -7.57 -1.04
C PRO A 82 -36.43 -6.72 -1.93
N GLU A 83 -36.78 -5.52 -1.48
CA GLU A 83 -37.66 -4.66 -2.30
C GLU A 83 -37.00 -4.30 -3.63
N SER A 84 -35.68 -4.22 -3.67
CA SER A 84 -34.96 -3.91 -4.89
CA SER A 84 -34.96 -3.89 -4.89
C SER A 84 -33.72 -4.77 -4.99
N ASN A 85 -33.28 -5.01 -6.22
CA ASN A 85 -32.06 -5.76 -6.46
C ASN A 85 -30.88 -4.81 -6.54
N TYR A 86 -29.74 -5.22 -5.99
CA TYR A 86 -28.61 -4.34 -5.83
C TYR A 86 -27.35 -4.94 -6.44
N LEU A 87 -26.52 -4.05 -6.99
CA LEU A 87 -25.18 -4.40 -7.48
C LEU A 87 -24.23 -3.31 -7.04
N PHE A 88 -23.25 -3.67 -6.21
CA PHE A 88 -22.25 -2.72 -5.73
C PHE A 88 -20.94 -2.93 -6.49
N LEU A 89 -20.27 -1.82 -6.81
CA LEU A 89 -19.11 -1.83 -7.66
C LEU A 89 -17.78 -1.84 -6.89
N GLY A 90 -17.83 -2.06 -5.58
CA GLY A 90 -16.62 -2.22 -4.80
C GLY A 90 -16.30 -1.00 -3.96
N ASP A 91 -15.11 -1.06 -3.35
CA ASP A 91 -14.59 -0.02 -2.44
C ASP A 91 -15.58 0.24 -1.30
N TYR A 92 -15.74 -0.78 -0.46
CA TYR A 92 -16.63 -0.70 0.68
C TYR A 92 -15.94 -0.25 1.95
N VAL A 93 -14.61 -0.38 2.03
CA VAL A 93 -13.89 -0.10 3.27
C VAL A 93 -12.91 1.04 3.06
N ASP A 94 -12.14 1.36 4.11
CA ASP A 94 -11.09 2.38 4.13
C ASP A 94 -11.63 3.80 4.12
N ARG A 95 -10.78 4.75 4.53
CA ARG A 95 -11.09 6.18 4.58
C ARG A 95 -12.21 6.52 5.56
N GLY A 96 -13.35 5.83 5.46
CA GLY A 96 -14.47 6.12 6.33
C GLY A 96 -14.23 5.67 7.76
N LYS A 97 -15.20 6.00 8.61
CA LYS A 97 -15.11 5.70 10.04
C LYS A 97 -15.76 4.38 10.43
N GLN A 98 -16.70 3.87 9.63
CA GLN A 98 -17.43 2.64 9.95
C GLN A 98 -17.37 1.69 8.76
N SER A 99 -16.16 1.19 8.48
CA SER A 99 -16.01 0.20 7.42
C SER A 99 -16.54 -1.17 7.85
N LEU A 100 -16.45 -1.49 9.14
CA LEU A 100 -16.91 -2.79 9.62
C LEU A 100 -18.43 -2.92 9.48
N GLU A 101 -19.17 -1.91 9.96
CA GLU A 101 -20.62 -1.95 9.81
C GLU A 101 -21.03 -2.00 8.34
N THR A 102 -20.28 -1.31 7.48
CA THR A 102 -20.61 -1.28 6.06
C THR A 102 -20.47 -2.66 5.43
N ILE A 103 -19.30 -3.29 5.58
CA ILE A 103 -19.06 -4.56 4.92
C ILE A 103 -19.91 -5.67 5.53
N CYS A 104 -20.18 -5.60 6.84
CA CYS A 104 -20.97 -6.64 7.48
C CYS A 104 -22.41 -6.64 6.99
N LEU A 105 -22.97 -5.45 6.77
CA LEU A 105 -24.34 -5.38 6.26
C LEU A 105 -24.42 -5.86 4.82
N LEU A 106 -23.41 -5.54 4.01
CA LEU A 106 -23.41 -5.97 2.61
C LEU A 106 -23.21 -7.48 2.51
N LEU A 107 -22.32 -8.05 3.34
CA LEU A 107 -22.14 -9.50 3.33
C LEU A 107 -23.40 -10.21 3.82
N ALA A 108 -24.05 -9.67 4.86
CA ALA A 108 -25.26 -10.29 5.37
C ALA A 108 -26.36 -10.30 4.33
N TYR A 109 -26.54 -9.18 3.61
CA TYR A 109 -27.54 -9.14 2.54
C TYR A 109 -27.18 -10.08 1.41
N LYS A 110 -25.88 -10.28 1.17
CA LYS A 110 -25.47 -11.25 0.14
C LYS A 110 -25.83 -12.67 0.56
N ILE A 111 -25.75 -12.97 1.85
CA ILE A 111 -26.14 -14.30 2.34
C ILE A 111 -27.65 -14.42 2.40
N LYS A 112 -28.34 -13.37 2.85
CA LYS A 112 -29.80 -13.42 2.95
C LYS A 112 -30.45 -13.50 1.58
N TYR A 113 -29.87 -12.85 0.57
CA TYR A 113 -30.42 -12.83 -0.78
C TYR A 113 -29.29 -13.06 -1.77
N PRO A 114 -28.90 -14.33 -1.98
CA PRO A 114 -27.77 -14.61 -2.88
C PRO A 114 -28.07 -14.40 -4.35
N GLU A 115 -29.33 -14.22 -4.74
CA GLU A 115 -29.70 -14.04 -6.14
C GLU A 115 -30.29 -12.67 -6.45
N ASN A 116 -30.33 -11.76 -5.48
CA ASN A 116 -30.85 -10.41 -5.71
C ASN A 116 -29.94 -9.34 -5.11
N PHE A 117 -28.77 -9.72 -4.59
CA PHE A 117 -27.82 -8.79 -4.00
C PHE A 117 -26.43 -9.22 -4.45
N PHE A 118 -25.66 -8.30 -5.01
CA PHE A 118 -24.38 -8.65 -5.60
C PHE A 118 -23.34 -7.59 -5.25
N LEU A 119 -22.10 -8.05 -5.04
CA LEU A 119 -20.99 -7.20 -4.65
C LEU A 119 -19.80 -7.48 -5.54
N LEU A 120 -19.27 -6.45 -6.19
CA LEU A 120 -18.07 -6.56 -7.00
C LEU A 120 -16.85 -6.13 -6.21
N ARG A 121 -15.68 -6.52 -6.71
CA ARG A 121 -14.42 -6.25 -6.02
C ARG A 121 -13.83 -4.93 -6.48
N GLY A 122 -13.54 -4.05 -5.53
CA GLY A 122 -12.83 -2.83 -5.79
C GLY A 122 -11.36 -2.95 -5.40
N ASN A 123 -10.58 -1.94 -5.79
CA ASN A 123 -9.16 -1.96 -5.50
C ASN A 123 -8.86 -1.83 -4.01
N HIS A 124 -9.84 -1.41 -3.21
CA HIS A 124 -9.67 -1.36 -1.76
C HIS A 124 -10.06 -2.65 -1.07
N GLU A 125 -10.72 -3.59 -1.78
CA GLU A 125 -10.92 -4.94 -1.27
C GLU A 125 -9.68 -5.78 -1.54
N CYS A 126 -8.55 -5.26 -1.05
CA CYS A 126 -7.24 -5.84 -1.29
C CYS A 126 -6.38 -5.58 -0.07
N ALA A 127 -5.71 -6.62 0.42
CA ALA A 127 -4.96 -6.50 1.68
C ALA A 127 -3.80 -5.52 1.56
N SER A 128 -3.21 -5.39 0.36
CA SER A 128 -2.12 -4.43 0.19
C SER A 128 -2.60 -2.99 0.34
N ILE A 129 -3.88 -2.74 0.08
CA ILE A 129 -4.43 -1.39 0.12
C ILE A 129 -5.13 -1.11 1.45
N ASN A 130 -6.07 -1.96 1.86
CA ASN A 130 -6.84 -1.67 3.06
C ASN A 130 -6.03 -1.83 4.34
N ARG A 131 -4.82 -2.39 4.27
CA ARG A 131 -3.96 -2.38 5.44
C ARG A 131 -3.51 -0.97 5.79
N ILE A 132 -3.40 -0.10 4.79
CA ILE A 132 -2.87 1.24 4.96
C ILE A 132 -3.97 2.27 5.14
N TYR A 133 -5.07 2.15 4.39
CA TYR A 133 -6.05 3.22 4.26
C TYR A 133 -7.20 3.12 5.26
N GLY A 134 -7.06 2.32 6.33
CA GLY A 134 -8.03 2.42 7.41
C GLY A 134 -8.69 1.14 7.88
N PHE A 135 -8.97 0.20 6.98
CA PHE A 135 -9.76 -0.97 7.36
C PHE A 135 -9.00 -1.85 8.35
N TYR A 136 -7.69 -2.01 8.16
CA TYR A 136 -6.91 -2.82 9.09
C TYR A 136 -6.85 -2.18 10.47
N ASP A 137 -6.66 -0.86 10.53
CA ASP A 137 -6.67 -0.17 11.82
C ASP A 137 -8.03 -0.29 12.50
N GLU A 138 -9.11 -0.32 11.73
CA GLU A 138 -10.43 -0.48 12.32
C GLU A 138 -10.64 -1.89 12.85
N CYS A 139 -10.11 -2.90 12.15
CA CYS A 139 -10.19 -4.27 12.64
C CYS A 139 -9.33 -4.47 13.88
N LYS A 140 -8.11 -3.92 13.87
CA LYS A 140 -7.20 -4.08 15.00
C LYS A 140 -7.76 -3.40 16.25
N ARG A 141 -8.39 -2.25 16.08
CA ARG A 141 -8.89 -1.49 17.23
C ARG A 141 -10.12 -2.16 17.84
N ARG A 142 -11.07 -2.57 17.01
CA ARG A 142 -12.33 -3.10 17.48
C ARG A 142 -12.35 -4.61 17.61
N TYR A 143 -11.38 -5.31 17.01
CA TYR A 143 -11.32 -6.76 17.12
C TYR A 143 -9.87 -7.24 17.23
N ASN A 144 -9.36 -7.90 16.20
CA ASN A 144 -7.99 -8.38 16.23
C ASN A 144 -7.49 -8.55 14.81
N ILE A 145 -6.17 -8.81 14.70
CA ILE A 145 -5.53 -8.99 13.40
C ILE A 145 -6.07 -10.23 12.70
N LYS A 146 -6.43 -11.26 13.45
CA LYS A 146 -6.88 -12.51 12.85
C LYS A 146 -8.18 -12.31 12.07
N LEU A 147 -9.07 -11.45 12.56
CA LEU A 147 -10.30 -11.17 11.83
C LEU A 147 -10.03 -10.42 10.53
N TRP A 148 -9.00 -9.58 10.51
CA TRP A 148 -8.64 -8.88 9.27
C TRP A 148 -8.16 -9.85 8.20
N LYS A 149 -7.37 -10.85 8.59
CA LYS A 149 -6.96 -11.88 7.65
C LYS A 149 -8.16 -12.66 7.11
N THR A 150 -9.18 -12.85 7.95
CA THR A 150 -10.40 -13.52 7.49
C THR A 150 -11.12 -12.69 6.44
N PHE A 151 -11.18 -11.37 6.62
CA PHE A 151 -11.77 -10.50 5.61
C PHE A 151 -11.00 -10.58 4.30
N THR A 152 -9.67 -10.68 4.37
CA THR A 152 -8.85 -10.79 3.16
C THR A 152 -9.19 -12.06 2.39
N ASP A 153 -9.30 -13.19 3.10
CA ASP A 153 -9.66 -14.44 2.44
C ASP A 153 -11.03 -14.34 1.79
N CYS A 154 -11.94 -13.56 2.36
CA CYS A 154 -13.24 -13.35 1.75
C CYS A 154 -13.15 -12.40 0.56
N PHE A 155 -12.32 -11.37 0.66
CA PHE A 155 -12.19 -10.40 -0.42
C PHE A 155 -11.57 -11.03 -1.66
N ASN A 156 -10.69 -12.02 -1.48
CA ASN A 156 -10.01 -12.64 -2.62
C ASN A 156 -10.94 -13.47 -3.49
N CYS A 157 -12.19 -13.67 -3.08
CA CYS A 157 -13.15 -14.45 -3.83
C CYS A 157 -14.28 -13.61 -4.41
N LEU A 158 -14.22 -12.30 -4.25
CA LEU A 158 -15.25 -11.43 -4.81
C LEU A 158 -15.22 -11.50 -6.34
N PRO A 159 -16.38 -11.45 -6.99
CA PRO A 159 -16.39 -11.38 -8.46
C PRO A 159 -15.78 -10.07 -8.94
N ILE A 160 -15.37 -10.08 -10.20
CA ILE A 160 -14.58 -8.98 -10.76
C ILE A 160 -15.42 -8.07 -11.65
N ALA A 161 -16.34 -8.63 -12.42
CA ALA A 161 -17.14 -7.84 -13.33
C ALA A 161 -18.54 -8.42 -13.42
N ALA A 162 -19.46 -7.61 -13.94
CA ALA A 162 -20.85 -8.01 -14.11
C ALA A 162 -21.38 -7.43 -15.41
N ILE A 163 -22.27 -8.18 -16.06
CA ILE A 163 -22.91 -7.75 -17.30
C ILE A 163 -24.42 -7.86 -17.10
N VAL A 164 -25.12 -6.75 -17.31
CA VAL A 164 -26.55 -6.67 -17.06
C VAL A 164 -27.27 -6.77 -18.40
N ASP A 165 -28.01 -7.88 -18.60
CA ASP A 165 -28.83 -8.09 -19.79
C ASP A 165 -28.00 -8.01 -21.08
N GLU A 166 -26.75 -8.49 -21.00
CA GLU A 166 -25.83 -8.53 -22.14
C GLU A 166 -25.59 -7.16 -22.75
N LYS A 167 -25.90 -6.09 -22.02
CA LYS A 167 -25.82 -4.73 -22.58
C LYS A 167 -25.11 -3.71 -21.70
N ILE A 168 -24.96 -3.96 -20.41
CA ILE A 168 -24.30 -3.02 -19.50
C ILE A 168 -23.14 -3.75 -18.83
N PHE A 169 -21.91 -3.34 -19.15
CA PHE A 169 -20.72 -3.91 -18.54
C PHE A 169 -20.38 -3.15 -17.27
N CYS A 170 -20.08 -3.88 -16.20
CA CYS A 170 -19.87 -3.29 -14.89
C CYS A 170 -18.57 -3.80 -14.28
N CYS A 171 -17.73 -2.89 -13.83
CA CYS A 171 -16.52 -3.20 -13.09
C CYS A 171 -16.17 -1.99 -12.24
N HIS A 172 -15.22 -2.17 -11.33
CA HIS A 172 -14.83 -1.07 -10.44
C HIS A 172 -14.01 -0.03 -11.19
N GLY A 173 -12.87 -0.42 -11.72
CA GLY A 173 -11.99 0.51 -12.40
C GLY A 173 -12.43 0.82 -13.81
N GLY A 174 -12.06 -0.03 -14.77
CA GLY A 174 -12.42 0.19 -16.15
C GLY A 174 -11.86 -0.86 -17.10
N LEU A 175 -11.59 -0.45 -18.33
CA LEU A 175 -11.14 -1.38 -19.35
C LEU A 175 -9.67 -1.72 -19.19
N SER A 176 -9.22 -2.71 -19.97
CA SER A 176 -7.86 -3.20 -19.93
C SER A 176 -7.36 -3.44 -21.35
N PRO A 177 -6.09 -3.12 -21.63
CA PRO A 177 -5.53 -3.46 -22.95
C PRO A 177 -5.35 -4.95 -23.17
N ASP A 178 -5.51 -5.77 -22.13
CA ASP A 178 -5.43 -7.21 -22.24
C ASP A 178 -6.80 -7.88 -22.23
N LEU A 179 -7.88 -7.09 -22.34
CA LEU A 179 -9.24 -7.62 -22.31
C LEU A 179 -9.76 -7.66 -23.75
N GLN A 180 -9.67 -8.84 -24.37
CA GLN A 180 -10.14 -9.05 -25.73
C GLN A 180 -11.46 -9.83 -25.77
N SER A 181 -11.60 -10.86 -24.94
CA SER A 181 -12.83 -11.62 -24.86
C SER A 181 -13.27 -11.72 -23.41
N MET A 182 -14.59 -11.79 -23.21
CA MET A 182 -15.12 -11.97 -21.86
C MET A 182 -14.71 -13.30 -21.25
N GLU A 183 -14.27 -14.25 -22.07
CA GLU A 183 -13.79 -15.52 -21.55
C GLU A 183 -12.52 -15.33 -20.73
N GLN A 184 -11.74 -14.28 -21.02
CA GLN A 184 -10.54 -14.02 -20.24
C GLN A 184 -10.86 -13.71 -18.79
N ILE A 185 -11.98 -13.03 -18.55
CA ILE A 185 -12.40 -12.75 -17.17
C ILE A 185 -12.89 -14.03 -16.50
N ARG A 186 -13.69 -14.82 -17.23
CA ARG A 186 -14.28 -16.02 -16.64
C ARG A 186 -13.23 -17.06 -16.23
N ARG A 187 -12.04 -17.03 -16.84
CA ARG A 187 -11.01 -18.01 -16.51
C ARG A 187 -10.15 -17.62 -15.33
N ILE A 188 -10.30 -16.41 -14.80
CA ILE A 188 -9.54 -16.01 -13.62
C ILE A 188 -9.94 -16.88 -12.44
N MET A 189 -8.95 -17.46 -11.78
CA MET A 189 -9.19 -18.37 -10.67
C MET A 189 -9.22 -17.63 -9.35
N ARG A 190 -10.04 -18.12 -8.43
CA ARG A 190 -10.19 -17.56 -7.09
C ARG A 190 -9.98 -18.65 -6.06
N PRO A 191 -9.48 -18.30 -4.86
CA PRO A 191 -9.12 -16.95 -4.40
C PRO A 191 -7.85 -16.41 -5.04
N THR A 192 -7.76 -15.10 -5.18
CA THR A 192 -6.61 -14.48 -5.81
C THR A 192 -6.40 -13.08 -5.25
N ASP A 193 -5.13 -12.69 -5.14
CA ASP A 193 -4.78 -11.32 -4.82
C ASP A 193 -4.89 -10.45 -6.07
N VAL A 194 -4.79 -9.14 -5.89
CA VAL A 194 -4.82 -8.18 -6.99
C VAL A 194 -3.38 -7.94 -7.43
N PRO A 195 -2.98 -8.34 -8.63
CA PRO A 195 -1.60 -8.13 -9.06
C PRO A 195 -1.31 -6.66 -9.31
N ASP A 196 -0.03 -6.34 -9.43
CA ASP A 196 0.39 -4.99 -9.77
C ASP A 196 0.24 -4.69 -11.26
N GLN A 197 -0.12 -5.69 -12.06
CA GLN A 197 -0.15 -5.53 -13.51
C GLN A 197 -1.01 -6.64 -14.10
N GLY A 198 -1.63 -6.34 -15.23
CA GLY A 198 -2.41 -7.32 -15.97
C GLY A 198 -3.88 -6.96 -16.03
N LEU A 199 -4.67 -7.93 -16.51
CA LEU A 199 -6.10 -7.71 -16.72
C LEU A 199 -6.83 -7.45 -15.40
N LEU A 200 -6.62 -8.32 -14.42
CA LEU A 200 -7.31 -8.17 -13.14
C LEU A 200 -6.97 -6.85 -12.46
N CYS A 201 -5.72 -6.39 -12.60
CA CYS A 201 -5.33 -5.11 -12.03
C CYS A 201 -6.05 -3.95 -12.70
N ASP A 202 -6.12 -3.97 -14.04
CA ASP A 202 -6.70 -2.84 -14.76
C ASP A 202 -8.20 -2.73 -14.52
N LEU A 203 -8.88 -3.86 -14.38
CA LEU A 203 -10.32 -3.84 -14.14
C LEU A 203 -10.69 -3.18 -12.82
N LEU A 204 -9.73 -3.07 -11.90
CA LEU A 204 -9.97 -2.48 -10.59
C LEU A 204 -9.26 -1.15 -10.40
N TRP A 205 -8.47 -0.70 -11.38
CA TRP A 205 -7.62 0.48 -11.16
C TRP A 205 -7.73 1.52 -12.27
N SER A 206 -7.99 1.08 -13.50
CA SER A 206 -7.91 2.00 -14.63
C SER A 206 -8.99 3.08 -14.56
N ASP A 207 -8.77 4.15 -15.31
CA ASP A 207 -9.64 5.31 -15.33
C ASP A 207 -9.82 5.79 -16.76
N PRO A 208 -10.95 6.42 -17.07
CA PRO A 208 -11.07 7.11 -18.35
C PRO A 208 -10.48 8.51 -18.27
N ASP A 209 -9.99 8.97 -19.42
CA ASP A 209 -9.41 10.30 -19.51
C ASP A 209 -9.79 10.92 -20.86
N LYS A 210 -10.24 12.17 -20.81
CA LYS A 210 -10.63 12.88 -22.02
C LYS A 210 -9.43 13.36 -22.82
N ASP A 211 -8.34 13.74 -22.15
CA ASP A 211 -7.14 14.24 -22.80
C ASP A 211 -6.14 13.14 -23.14
N VAL A 212 -6.62 11.94 -23.41
CA VAL A 212 -5.78 10.80 -23.77
C VAL A 212 -6.40 10.11 -24.97
N GLN A 213 -5.58 9.84 -25.99
CA GLN A 213 -5.98 9.13 -27.19
C GLN A 213 -5.43 7.71 -27.11
N GLY A 214 -6.29 6.77 -26.79
CA GLY A 214 -5.87 5.36 -26.68
C GLY A 214 -5.56 5.00 -25.24
N TRP A 215 -4.33 4.54 -25.00
CA TRP A 215 -3.89 4.12 -23.68
C TRP A 215 -2.73 4.97 -23.22
N GLY A 216 -2.77 5.40 -21.94
CA GLY A 216 -1.71 6.19 -21.38
C GLY A 216 -1.38 5.75 -19.97
N GLU A 217 -0.30 6.32 -19.43
CA GLU A 217 0.13 5.99 -18.08
C GLU A 217 -0.76 6.69 -17.06
N ASN A 218 -1.28 5.92 -16.11
CA ASN A 218 -2.16 6.46 -15.09
C ASN A 218 -1.34 7.08 -13.96
N ASP A 219 -1.69 8.31 -13.58
CA ASP A 219 -0.96 9.01 -12.54
C ASP A 219 -1.15 8.41 -11.17
N ARG A 220 -2.08 7.46 -11.01
CA ARG A 220 -2.17 6.71 -9.76
C ARG A 220 -0.91 5.89 -9.50
N GLY A 221 -0.07 5.69 -10.52
CA GLY A 221 1.06 4.80 -10.44
C GLY A 221 0.75 3.37 -10.81
N VAL A 222 -0.53 3.03 -10.99
CA VAL A 222 -0.97 1.69 -11.31
C VAL A 222 -1.87 1.74 -12.53
N SER A 223 -1.81 0.68 -13.34
CA SER A 223 -2.68 0.49 -14.50
C SER A 223 -2.54 1.62 -15.51
N PHE A 224 -3.59 1.84 -16.30
CA PHE A 224 -3.55 2.77 -17.43
C PHE A 224 -4.78 3.67 -17.41
N THR A 225 -4.80 4.62 -18.35
CA THR A 225 -5.97 5.39 -18.69
C THR A 225 -6.42 5.02 -20.10
N PHE A 226 -7.69 5.28 -20.39
CA PHE A 226 -8.25 5.01 -21.70
C PHE A 226 -9.16 6.15 -22.12
N GLY A 227 -9.24 6.36 -23.45
CA GLY A 227 -9.98 7.46 -24.01
C GLY A 227 -11.38 7.08 -24.45
N ALA A 228 -12.11 8.09 -24.93
CA ALA A 228 -13.49 7.89 -25.37
C ALA A 228 -13.58 6.96 -26.56
N GLU A 229 -12.52 6.82 -27.34
CA GLU A 229 -12.52 5.94 -28.51
C GLU A 229 -12.31 4.48 -28.13
N VAL A 230 -11.53 4.21 -27.09
CA VAL A 230 -11.39 2.83 -26.61
C VAL A 230 -12.73 2.31 -26.11
N VAL A 231 -13.52 3.19 -25.49
CA VAL A 231 -14.85 2.81 -25.03
C VAL A 231 -15.76 2.44 -26.20
N ALA A 232 -15.80 3.31 -27.22
CA ALA A 232 -16.69 3.08 -28.35
C ALA A 232 -16.30 1.81 -29.10
N LYS A 233 -15.00 1.58 -29.29
CA LYS A 233 -14.57 0.36 -29.96
C LYS A 233 -14.87 -0.88 -29.12
N PHE A 234 -14.70 -0.77 -27.80
CA PHE A 234 -15.01 -1.90 -26.92
C PHE A 234 -16.50 -2.21 -26.92
N LEU A 235 -17.34 -1.18 -26.91
CA LEU A 235 -18.78 -1.40 -26.93
C LEU A 235 -19.23 -2.05 -28.23
N HIS A 236 -18.64 -1.62 -29.36
CA HIS A 236 -19.03 -2.16 -30.66
C HIS A 236 -18.58 -3.61 -30.82
N LYS A 237 -17.42 -3.97 -30.27
CA LYS A 237 -16.90 -5.31 -30.46
C LYS A 237 -17.75 -6.36 -29.74
N HIS A 238 -18.27 -6.01 -28.55
CA HIS A 238 -19.02 -6.95 -27.73
C HIS A 238 -20.52 -6.66 -27.73
N ASP A 239 -20.99 -5.76 -28.60
CA ASP A 239 -22.40 -5.41 -28.70
C ASP A 239 -22.96 -4.97 -27.36
N LEU A 240 -22.22 -4.10 -26.69
CA LEU A 240 -22.64 -3.52 -25.43
C LEU A 240 -23.11 -2.08 -25.65
N ASP A 241 -23.91 -1.58 -24.71
CA ASP A 241 -24.47 -0.24 -24.80
C ASP A 241 -23.90 0.75 -23.81
N LEU A 242 -23.37 0.29 -22.67
CA LEU A 242 -22.92 1.20 -21.63
C LEU A 242 -21.90 0.50 -20.74
N ILE A 243 -20.87 1.25 -20.35
CA ILE A 243 -19.93 0.81 -19.34
C ILE A 243 -20.27 1.52 -18.04
N CYS A 244 -20.41 0.76 -16.96
CA CYS A 244 -20.74 1.30 -15.65
C CYS A 244 -19.60 1.00 -14.69
N ARG A 245 -18.98 2.05 -14.16
CA ARG A 245 -17.82 1.91 -13.29
C ARG A 245 -17.89 2.96 -12.19
N ALA A 246 -16.89 2.96 -11.32
CA ALA A 246 -16.85 3.85 -10.17
C ALA A 246 -15.44 4.41 -9.98
N HIS A 247 -14.83 4.15 -8.82
CA HIS A 247 -13.39 4.31 -8.61
C HIS A 247 -12.94 5.76 -8.59
N GLN A 248 -13.78 6.71 -9.01
CA GLN A 248 -13.39 8.11 -9.07
C GLN A 248 -14.47 8.97 -8.42
N VAL A 249 -14.04 9.92 -7.59
CA VAL A 249 -14.96 10.87 -6.98
C VAL A 249 -15.47 11.82 -8.05
N VAL A 250 -16.78 12.09 -8.03
CA VAL A 250 -17.41 12.99 -8.99
C VAL A 250 -18.37 13.90 -8.24
N GLU A 251 -18.54 15.12 -8.76
CA GLU A 251 -19.26 16.15 -8.02
C GLU A 251 -20.73 15.82 -7.85
N ASP A 252 -21.38 15.36 -8.92
CA ASP A 252 -22.81 15.07 -8.90
C ASP A 252 -23.13 13.64 -8.50
N GLY A 253 -22.13 12.86 -8.07
CA GLY A 253 -22.30 11.44 -7.84
C GLY A 253 -22.25 10.59 -9.09
N TYR A 254 -22.52 11.17 -10.25
CA TYR A 254 -22.36 10.48 -11.52
C TYR A 254 -21.67 11.41 -12.51
N GLU A 255 -21.10 10.82 -13.56
CA GLU A 255 -20.41 11.58 -14.59
C GLU A 255 -20.38 10.77 -15.86
N PHE A 256 -20.91 11.33 -16.95
CA PHE A 256 -20.89 10.65 -18.23
C PHE A 256 -19.57 10.86 -18.94
N PHE A 257 -19.28 9.97 -19.89
CA PHE A 257 -18.05 10.04 -20.67
C PHE A 257 -18.29 9.32 -21.99
N ALA A 258 -17.64 9.81 -23.04
CA ALA A 258 -17.74 9.24 -24.38
C ALA A 258 -19.19 9.27 -24.88
N LYS A 259 -19.88 10.39 -24.62
CA LYS A 259 -21.27 10.59 -25.04
C LYS A 259 -22.19 9.50 -24.48
N ARG A 260 -22.24 9.46 -23.15
CA ARG A 260 -23.12 8.54 -22.41
C ARG A 260 -22.82 7.08 -22.68
N GLN A 261 -21.64 6.77 -23.22
CA GLN A 261 -21.22 5.38 -23.39
C GLN A 261 -20.56 4.80 -22.15
N LEU A 262 -20.13 5.65 -21.23
CA LEU A 262 -19.55 5.23 -19.96
C LEU A 262 -20.03 6.19 -18.87
N VAL A 263 -20.31 5.65 -17.69
CA VAL A 263 -20.75 6.45 -16.55
C VAL A 263 -19.94 6.05 -15.33
N THR A 264 -19.64 7.03 -14.49
CA THR A 264 -18.89 6.83 -13.25
C THR A 264 -19.81 7.09 -12.08
N LEU A 265 -19.97 6.10 -11.20
CA LEU A 265 -20.84 6.21 -10.05
C LEU A 265 -20.01 6.38 -8.77
N PHE A 266 -20.45 7.28 -7.90
CA PHE A 266 -19.82 7.48 -6.60
C PHE A 266 -20.92 7.73 -5.59
N SER A 267 -20.98 6.91 -4.54
CA SER A 267 -22.12 6.90 -3.62
C SER A 267 -21.73 7.39 -2.22
N ALA A 268 -20.58 8.03 -2.07
CA ALA A 268 -20.16 8.55 -0.76
C ALA A 268 -20.12 10.07 -0.80
N PRO A 269 -21.13 10.75 -0.27
CA PRO A 269 -21.13 12.23 -0.31
C PRO A 269 -20.16 12.82 0.68
N ASN A 270 -19.73 14.04 0.38
CA ASN A 270 -18.73 14.77 1.18
C ASN A 270 -17.50 13.89 1.44
N TYR A 271 -16.95 13.35 0.36
CA TYR A 271 -15.88 12.37 0.47
C TYR A 271 -14.52 13.02 0.66
N CYS A 272 -14.26 14.12 -0.06
CA CYS A 272 -12.93 14.73 -0.04
C CYS A 272 -12.75 15.81 1.01
N GLY A 273 -13.83 16.46 1.44
CA GLY A 273 -13.70 17.55 2.40
C GLY A 273 -13.26 18.83 1.74
N GLU A 274 -12.07 18.80 1.11
CA GLU A 274 -11.63 19.93 0.29
C GLU A 274 -12.44 20.07 -0.98
N PHE A 275 -13.35 19.14 -1.26
CA PHE A 275 -14.21 19.18 -2.43
C PHE A 275 -15.52 18.50 -2.08
N ASP A 276 -16.61 19.26 -2.09
CA ASP A 276 -17.92 18.74 -1.70
C ASP A 276 -18.57 18.03 -2.88
N ASN A 277 -18.86 16.74 -2.70
CA ASN A 277 -19.47 15.92 -3.73
C ASN A 277 -20.77 15.33 -3.21
N ALA A 278 -21.63 14.93 -4.15
CA ALA A 278 -22.85 14.22 -3.83
C ALA A 278 -22.71 12.75 -4.17
N GLY A 279 -23.65 11.95 -3.66
CA GLY A 279 -23.71 10.53 -3.94
C GLY A 279 -24.83 10.24 -4.92
N ALA A 280 -24.65 9.22 -5.75
CA ALA A 280 -25.64 8.86 -6.74
C ALA A 280 -25.82 7.34 -6.78
N MET A 281 -27.01 6.93 -7.18
CA MET A 281 -27.35 5.52 -7.37
C MET A 281 -28.09 5.38 -8.68
N MET A 282 -27.71 4.39 -9.49
CA MET A 282 -28.26 4.20 -10.81
C MET A 282 -29.37 3.14 -10.77
N SER A 283 -30.57 3.53 -11.17
CA SER A 283 -31.72 2.64 -11.22
C SER A 283 -31.97 2.21 -12.66
N VAL A 284 -32.07 0.91 -12.89
CA VAL A 284 -32.31 0.34 -14.20
C VAL A 284 -33.55 -0.53 -14.11
N ASP A 285 -34.54 -0.25 -14.97
CA ASP A 285 -35.76 -1.03 -14.96
C ASP A 285 -35.66 -2.17 -15.97
N GLU A 286 -36.75 -2.92 -16.13
CA GLU A 286 -36.73 -4.13 -16.96
C GLU A 286 -36.37 -3.82 -18.41
N THR A 287 -36.72 -2.63 -18.91
CA THR A 287 -36.45 -2.26 -20.28
C THR A 287 -35.10 -1.55 -20.43
N LEU A 288 -34.20 -1.71 -19.46
CA LEU A 288 -32.91 -1.02 -19.44
C LEU A 288 -33.08 0.49 -19.56
N MET A 289 -34.13 1.01 -18.94
CA MET A 289 -34.37 2.45 -18.86
C MET A 289 -33.77 2.96 -17.56
N CYS A 290 -32.69 3.73 -17.67
CA CYS A 290 -31.86 4.08 -16.53
C CYS A 290 -32.12 5.50 -16.06
N SER A 291 -32.00 5.70 -14.74
CA SER A 291 -32.12 7.02 -14.13
C SER A 291 -31.14 7.09 -12.95
N PHE A 292 -31.12 8.23 -12.28
CA PHE A 292 -30.19 8.46 -11.18
C PHE A 292 -30.93 8.99 -9.96
N GLN A 293 -30.71 8.34 -8.82
CA GLN A 293 -31.13 8.87 -7.53
CA GLN A 293 -31.13 8.87 -7.53
C GLN A 293 -29.93 9.52 -6.87
N ILE A 294 -30.08 10.79 -6.48
CA ILE A 294 -28.97 11.57 -5.93
C ILE A 294 -29.10 11.64 -4.42
N LEU A 295 -28.00 11.35 -3.73
CA LEU A 295 -27.93 11.43 -2.27
C LEU A 295 -27.23 12.72 -1.91
N LYS A 296 -27.99 13.72 -1.46
CA LYS A 296 -27.40 14.98 -1.09
C LYS A 296 -26.67 14.85 0.24
N PRO A 297 -25.50 15.49 0.39
CA PRO A 297 -24.77 15.39 1.66
C PRO A 297 -25.60 15.87 2.83
N ALA A 298 -25.40 15.21 3.97
CA ALA A 298 -26.16 15.49 5.18
C ALA A 298 -25.64 16.75 5.87
N SER B 5 27.31 9.97 -20.48
CA SER B 5 28.55 9.42 -19.96
C SER B 5 28.60 9.49 -18.43
N LEU B 6 27.69 10.30 -17.87
CA LEU B 6 27.52 10.45 -16.43
C LEU B 6 28.73 11.10 -15.77
N ASN B 7 28.65 12.40 -15.49
CA ASN B 7 29.70 13.12 -14.78
C ASN B 7 29.39 13.03 -13.29
N LEU B 8 29.91 11.97 -12.66
CA LEU B 8 29.58 11.69 -11.26
C LEU B 8 30.09 12.80 -10.35
N ASP B 9 31.26 13.37 -10.66
CA ASP B 9 31.87 14.34 -9.77
C ASP B 9 31.08 15.66 -9.73
N SER B 10 30.53 16.06 -10.88
CA SER B 10 29.69 17.26 -10.88
C SER B 10 28.39 17.01 -10.13
N ILE B 11 27.82 15.80 -10.26
CA ILE B 11 26.60 15.46 -9.54
C ILE B 11 26.82 15.53 -8.04
N ILE B 12 27.89 14.90 -7.56
CA ILE B 12 28.21 14.93 -6.14
C ILE B 12 28.47 16.35 -5.67
N GLY B 13 29.18 17.14 -6.47
CA GLY B 13 29.45 18.52 -6.10
C GLY B 13 28.19 19.35 -5.95
N ARG B 14 27.25 19.21 -6.89
CA ARG B 14 25.99 19.95 -6.79
C ARG B 14 25.14 19.44 -5.64
N LEU B 15 25.21 18.15 -5.32
CA LEU B 15 24.45 17.61 -4.19
C LEU B 15 24.99 18.13 -2.87
N LEU B 16 26.29 18.38 -2.78
CA LEU B 16 26.92 18.84 -1.55
C LEU B 16 26.98 20.36 -1.45
N GLU B 17 26.60 21.09 -2.50
CA GLU B 17 26.65 22.55 -2.45
C GLU B 17 25.72 23.12 -1.40
N VAL B 18 24.56 22.47 -1.17
CA VAL B 18 23.59 22.98 -0.21
C VAL B 18 23.98 22.71 1.24
N GLN B 19 25.16 22.13 1.46
CA GLN B 19 25.66 21.95 2.82
C GLN B 19 25.87 23.31 3.47
N GLY B 20 25.26 23.50 4.65
CA GLY B 20 25.29 24.77 5.34
C GLY B 20 24.22 25.76 4.92
N SER B 21 23.18 25.30 4.23
CA SER B 21 22.08 26.17 3.83
C SER B 21 20.87 25.91 4.73
N ARG B 22 19.82 26.70 4.54
CA ARG B 22 18.59 26.49 5.28
C ARG B 22 18.01 25.12 4.92
N PRO B 23 17.67 24.29 5.91
CA PRO B 23 17.12 22.95 5.60
C PRO B 23 15.87 23.05 4.76
N GLY B 24 15.94 22.50 3.55
CA GLY B 24 14.81 22.53 2.63
C GLY B 24 15.20 22.97 1.23
N LYS B 25 16.43 23.46 1.06
CA LYS B 25 16.88 23.87 -0.26
C LYS B 25 17.13 22.65 -1.14
N ASN B 26 16.51 22.66 -2.33
CA ASN B 26 16.55 21.50 -3.22
C ASN B 26 17.78 21.53 -4.12
N VAL B 27 18.11 20.34 -4.63
CA VAL B 27 19.13 20.17 -5.66
C VAL B 27 18.46 19.42 -6.80
N GLN B 28 18.25 20.11 -7.93
CA GLN B 28 17.49 19.56 -9.04
C GLN B 28 18.46 19.08 -10.11
N LEU B 29 18.84 17.80 -10.02
CA LEU B 29 19.63 17.18 -11.07
C LEU B 29 18.77 16.99 -12.31
N THR B 30 19.43 16.70 -13.43
CA THR B 30 18.68 16.44 -14.65
C THR B 30 18.09 15.05 -14.62
N GLU B 31 17.04 14.85 -15.44
CA GLU B 31 16.40 13.55 -15.53
C GLU B 31 17.38 12.48 -16.00
N ASN B 32 18.27 12.83 -16.93
CA ASN B 32 19.24 11.86 -17.43
C ASN B 32 20.35 11.58 -16.42
N GLU B 33 20.69 12.57 -15.59
CA GLU B 33 21.68 12.33 -14.54
C GLU B 33 21.14 11.36 -13.49
N ILE B 34 19.88 11.54 -13.08
CA ILE B 34 19.28 10.64 -12.11
C ILE B 34 19.12 9.25 -12.69
N ARG B 35 18.71 9.16 -13.96
CA ARG B 35 18.61 7.86 -14.61
C ARG B 35 19.98 7.20 -14.77
N GLY B 36 21.02 8.01 -15.01
CA GLY B 36 22.36 7.46 -15.07
C GLY B 36 22.82 6.89 -13.74
N LEU B 37 22.48 7.56 -12.64
CA LEU B 37 22.82 7.06 -11.32
C LEU B 37 22.16 5.70 -11.06
N CYS B 38 20.87 5.58 -11.40
CA CYS B 38 20.14 4.35 -11.12
C CYS B 38 20.72 3.17 -11.88
N LEU B 39 20.96 3.35 -13.19
CA LEU B 39 21.40 2.23 -14.02
C LEU B 39 22.79 1.75 -13.62
N LYS B 40 23.71 2.68 -13.35
CA LYS B 40 25.06 2.26 -12.97
C LYS B 40 25.07 1.62 -11.59
N SER B 41 24.28 2.14 -10.65
CA SER B 41 24.17 1.50 -9.34
C SER B 41 23.56 0.11 -9.47
N ARG B 42 22.57 -0.03 -10.35
CA ARG B 42 21.94 -1.33 -10.59
C ARG B 42 22.98 -2.35 -11.06
N GLU B 43 23.95 -1.91 -11.87
CA GLU B 43 24.99 -2.82 -12.35
C GLU B 43 25.86 -3.32 -11.20
N ILE B 44 26.20 -2.43 -10.26
CA ILE B 44 27.04 -2.82 -9.14
C ILE B 44 26.27 -3.72 -8.19
N PHE B 45 25.00 -3.38 -7.92
CA PHE B 45 24.18 -4.20 -7.04
C PHE B 45 24.07 -5.63 -7.56
N LEU B 46 23.89 -5.79 -8.87
CA LEU B 46 23.80 -7.13 -9.44
C LEU B 46 25.14 -7.82 -9.51
N SER B 47 26.24 -7.06 -9.56
CA SER B 47 27.56 -7.66 -9.63
C SER B 47 28.05 -8.11 -8.26
N GLN B 48 27.60 -7.48 -7.20
CA GLN B 48 27.98 -7.80 -5.83
C GLN B 48 26.96 -8.74 -5.20
N PRO B 49 27.37 -9.52 -4.20
CA PRO B 49 26.44 -10.51 -3.62
C PRO B 49 25.24 -9.84 -2.97
N ILE B 50 24.12 -10.58 -2.96
CA ILE B 50 22.93 -10.10 -2.26
C ILE B 50 23.10 -10.21 -0.76
N LEU B 51 23.99 -11.09 -0.30
CA LEU B 51 24.40 -11.16 1.10
C LEU B 51 25.84 -10.69 1.17
N LEU B 52 26.02 -9.43 1.56
CA LEU B 52 27.32 -8.79 1.48
C LEU B 52 28.24 -9.25 2.59
N GLU B 53 29.49 -9.53 2.23
CA GLU B 53 30.55 -9.83 3.19
C GLU B 53 31.45 -8.61 3.32
N LEU B 54 31.45 -7.98 4.49
CA LEU B 54 32.20 -6.75 4.71
C LEU B 54 33.24 -6.96 5.80
N GLU B 55 34.17 -6.01 5.88
CA GLU B 55 35.19 -5.97 6.90
C GLU B 55 35.16 -4.60 7.58
N ALA B 56 35.66 -4.56 8.80
CA ALA B 56 35.77 -3.33 9.56
C ALA B 56 37.10 -2.65 9.28
N PRO B 57 37.21 -1.33 9.48
CA PRO B 57 36.26 -0.35 10.03
C PRO B 57 35.03 -0.09 9.15
N LEU B 58 33.92 0.21 9.80
CA LEU B 58 32.65 0.42 9.10
C LEU B 58 31.76 1.29 9.97
N LYS B 59 30.89 2.06 9.32
CA LYS B 59 29.91 2.89 9.99
C LYS B 59 28.52 2.52 9.50
N ILE B 60 27.65 2.12 10.42
CA ILE B 60 26.32 1.60 10.09
C ILE B 60 25.28 2.66 10.44
N CYS B 61 24.31 2.83 9.54
CA CYS B 61 23.26 3.82 9.72
CA CYS B 61 23.27 3.83 9.71
C CYS B 61 21.90 3.19 9.45
N GLY B 62 20.88 3.75 10.08
CA GLY B 62 19.51 3.25 9.97
C GLY B 62 18.69 4.00 8.95
N ASP B 63 17.42 4.22 9.28
CA ASP B 63 16.51 4.87 8.35
C ASP B 63 16.87 6.34 8.17
N ILE B 64 16.76 6.82 6.94
CA ILE B 64 16.90 8.23 6.62
C ILE B 64 15.54 8.85 6.27
N HIS B 65 14.77 8.17 5.43
CA HIS B 65 13.42 8.59 5.04
C HIS B 65 13.42 10.02 4.48
N GLY B 66 14.26 10.24 3.48
CA GLY B 66 14.25 11.50 2.75
C GLY B 66 14.67 12.72 3.53
N GLN B 67 15.22 12.55 4.73
CA GLN B 67 15.75 13.68 5.50
C GLN B 67 17.18 13.93 5.04
N TYR B 68 17.30 14.71 3.96
CA TYR B 68 18.59 14.85 3.29
C TYR B 68 19.59 15.64 4.12
N TYR B 69 19.13 16.70 4.80
CA TYR B 69 20.05 17.51 5.57
C TYR B 69 20.53 16.81 6.84
N ASP B 70 19.76 15.85 7.36
CA ASP B 70 20.28 15.00 8.43
C ASP B 70 21.30 13.99 7.90
N LEU B 71 21.16 13.60 6.63
CA LEU B 71 22.17 12.73 6.01
C LEU B 71 23.48 13.47 5.84
N LEU B 72 23.42 14.75 5.45
CA LEU B 72 24.64 15.55 5.36
C LEU B 72 25.26 15.76 6.74
N ARG B 73 24.43 16.01 7.75
CA ARG B 73 24.95 16.12 9.10
C ARG B 73 25.53 14.80 9.59
N LEU B 74 24.94 13.69 9.17
CA LEU B 74 25.49 12.37 9.54
C LEU B 74 26.84 12.15 8.87
N PHE B 75 27.02 12.64 7.65
CA PHE B 75 28.31 12.51 6.98
C PHE B 75 29.35 13.43 7.60
N GLU B 76 28.93 14.53 8.23
N GLU B 76 28.93 14.53 8.23
CA GLU B 76 29.88 15.41 8.91
CA GLU B 76 29.88 15.41 8.91
C GLU B 76 30.40 14.77 10.19
C GLU B 76 30.40 14.77 10.19
N TYR B 77 29.52 14.09 10.93
CA TYR B 77 29.95 13.43 12.17
C TYR B 77 30.85 12.23 11.90
N GLY B 78 30.64 11.54 10.78
CA GLY B 78 31.37 10.32 10.50
C GLY B 78 32.40 10.45 9.39
N GLY B 79 32.39 11.56 8.68
CA GLY B 79 33.33 11.77 7.59
C GLY B 79 32.76 11.40 6.24
N PHE B 80 32.76 12.35 5.31
CA PHE B 80 32.30 12.06 3.96
C PHE B 80 33.21 11.03 3.31
N PRO B 81 32.67 10.11 2.50
CA PRO B 81 33.54 9.14 1.83
C PRO B 81 34.55 9.85 0.96
N PRO B 82 35.72 9.23 0.73
CA PRO B 82 36.10 7.86 1.09
C PRO B 82 36.75 7.71 2.46
N GLU B 83 36.71 8.75 3.29
CA GLU B 83 37.34 8.70 4.60
C GLU B 83 36.90 7.47 5.38
N SER B 84 35.60 7.35 5.63
CA SER B 84 35.04 6.25 6.39
C SER B 84 34.21 5.36 5.48
N ASN B 85 34.20 4.07 5.79
CA ASN B 85 33.34 3.13 5.08
C ASN B 85 31.93 3.18 5.68
N TYR B 86 30.94 2.90 4.85
CA TYR B 86 29.56 3.07 5.24
C TYR B 86 28.72 1.87 4.81
N LEU B 87 27.72 1.55 5.63
CA LEU B 87 26.71 0.54 5.32
C LEU B 87 25.37 1.06 5.79
N PHE B 88 24.45 1.27 4.86
CA PHE B 88 23.11 1.74 5.17
C PHE B 88 22.13 0.58 5.15
N LEU B 89 21.16 0.61 6.06
CA LEU B 89 20.26 -0.51 6.29
C LEU B 89 18.89 -0.31 5.66
N GLY B 90 18.75 0.66 4.76
CA GLY B 90 17.54 0.82 3.99
C GLY B 90 16.69 1.99 4.45
N ASP B 91 15.48 2.04 3.88
CA ASP B 91 14.51 3.11 4.12
C ASP B 91 15.12 4.49 3.88
N TYR B 92 15.40 4.75 2.61
CA TYR B 92 15.99 6.02 2.20
C TYR B 92 14.95 7.04 1.75
N VAL B 93 13.80 6.59 1.28
CA VAL B 93 12.79 7.49 0.72
C VAL B 93 11.55 7.53 1.61
N ASP B 94 10.52 8.24 1.16
CA ASP B 94 9.24 8.41 1.83
C ASP B 94 9.35 9.28 3.09
N ARG B 95 8.19 9.75 3.57
CA ARG B 95 8.06 10.54 4.79
C ARG B 95 8.70 11.92 4.66
N GLY B 96 10.00 11.96 4.42
CA GLY B 96 10.73 13.22 4.37
C GLY B 96 10.37 14.06 3.17
N LYS B 97 10.99 15.24 3.10
CA LYS B 97 10.73 16.21 2.04
C LYS B 97 11.70 16.10 0.89
N GLN B 98 12.84 15.43 1.06
CA GLN B 98 13.88 15.35 0.04
C GLN B 98 14.34 13.90 -0.10
N SER B 99 13.45 13.04 -0.56
CA SER B 99 13.84 11.67 -0.87
C SER B 99 14.72 11.60 -2.10
N LEU B 100 14.51 12.49 -3.07
CA LEU B 100 15.30 12.47 -4.29
C LEU B 100 16.75 12.82 -4.01
N GLU B 101 17.00 13.91 -3.28
CA GLU B 101 18.37 14.28 -2.95
C GLU B 101 19.05 13.19 -2.12
N THR B 102 18.29 12.53 -1.24
CA THR B 102 18.87 11.52 -0.37
C THR B 102 19.34 10.30 -1.17
N ILE B 103 18.45 9.72 -1.97
CA ILE B 103 18.80 8.50 -2.69
C ILE B 103 19.84 8.78 -3.77
N CYS B 104 19.81 9.97 -4.37
CA CYS B 104 20.79 10.29 -5.41
C CYS B 104 22.19 10.36 -4.85
N LEU B 105 22.36 10.98 -3.67
CA LEU B 105 23.68 11.05 -3.05
C LEU B 105 24.18 9.66 -2.66
N LEU B 106 23.27 8.80 -2.18
CA LEU B 106 23.67 7.46 -1.80
C LEU B 106 23.99 6.60 -3.03
N LEU B 107 23.23 6.78 -4.11
CA LEU B 107 23.56 6.08 -5.35
C LEU B 107 24.88 6.57 -5.93
N ALA B 108 25.11 7.89 -5.89
CA ALA B 108 26.36 8.43 -6.44
C ALA B 108 27.57 7.96 -5.65
N TYR B 109 27.48 7.99 -4.32
CA TYR B 109 28.57 7.47 -3.49
C TYR B 109 28.77 5.97 -3.71
N LYS B 110 27.69 5.24 -4.02
CA LYS B 110 27.82 3.82 -4.32
C LYS B 110 28.59 3.59 -5.61
N ILE B 111 28.42 4.48 -6.60
CA ILE B 111 29.15 4.33 -7.85
C ILE B 111 30.57 4.86 -7.72
N LYS B 112 30.75 5.94 -6.97
CA LYS B 112 32.07 6.53 -6.82
C LYS B 112 32.99 5.63 -6.01
N TYR B 113 32.48 5.02 -4.94
CA TYR B 113 33.26 4.13 -4.07
C TYR B 113 32.48 2.82 -3.93
N PRO B 114 32.54 1.95 -4.95
CA PRO B 114 31.73 0.73 -4.90
C PRO B 114 32.17 -0.28 -3.88
N GLU B 115 33.44 -0.24 -3.43
CA GLU B 115 33.93 -1.20 -2.46
C GLU B 115 33.99 -0.62 -1.04
N ASN B 116 33.71 0.66 -0.87
CA ASN B 116 33.68 1.29 0.45
C ASN B 116 32.32 1.84 0.82
N PHE B 117 31.31 1.65 -0.03
CA PHE B 117 29.96 2.15 0.22
C PHE B 117 28.98 1.05 -0.13
N PHE B 118 28.03 0.80 0.77
CA PHE B 118 27.07 -0.30 0.59
C PHE B 118 25.70 0.13 1.10
N LEU B 119 24.66 -0.32 0.39
CA LEU B 119 23.29 0.07 0.68
C LEU B 119 22.42 -1.17 0.70
N LEU B 120 21.71 -1.38 1.80
CA LEU B 120 20.78 -2.50 1.91
C LEU B 120 19.37 -2.04 1.54
N ARG B 121 18.49 -3.01 1.30
CA ARG B 121 17.12 -2.73 0.89
C ARG B 121 16.19 -2.73 2.09
N GLY B 122 15.46 -1.64 2.27
CA GLY B 122 14.43 -1.54 3.29
C GLY B 122 13.05 -1.81 2.71
N ASN B 123 12.06 -1.84 3.61
CA ASN B 123 10.70 -2.12 3.18
C ASN B 123 10.07 -0.97 2.41
N HIS B 124 10.69 0.22 2.41
CA HIS B 124 10.19 1.34 1.62
C HIS B 124 10.84 1.43 0.26
N GLU B 125 11.93 0.68 0.01
CA GLU B 125 12.50 0.55 -1.32
C GLU B 125 11.71 -0.49 -2.11
N CYS B 126 10.40 -0.24 -2.22
CA CYS B 126 9.45 -1.14 -2.84
C CYS B 126 8.34 -0.31 -3.44
N ALA B 127 8.01 -0.58 -4.71
CA ALA B 127 7.07 0.27 -5.43
C ALA B 127 5.71 0.31 -4.75
N SER B 128 5.25 -0.83 -4.23
CA SER B 128 3.93 -0.88 -3.59
C SER B 128 3.86 -0.03 -2.32
N ILE B 129 4.99 0.29 -1.71
CA ILE B 129 5.05 1.10 -0.51
C ILE B 129 5.33 2.57 -0.82
N ASN B 130 6.42 2.85 -1.54
CA ASN B 130 6.79 4.25 -1.79
C ASN B 130 5.87 4.94 -2.79
N ARG B 131 4.94 4.22 -3.40
CA ARG B 131 3.91 4.88 -4.21
C ARG B 131 2.96 5.67 -3.32
N ILE B 132 2.79 5.24 -2.07
CA ILE B 132 1.81 5.84 -1.17
C ILE B 132 2.47 6.84 -0.21
N TYR B 133 3.64 6.50 0.32
CA TYR B 133 4.21 7.24 1.44
C TYR B 133 5.13 8.38 1.02
N GLY B 134 5.08 8.81 -0.23
CA GLY B 134 5.73 10.07 -0.58
C GLY B 134 6.69 10.08 -1.75
N PHE B 135 7.42 8.99 -1.97
CA PHE B 135 8.49 9.03 -2.96
C PHE B 135 7.95 9.16 -4.38
N TYR B 136 6.82 8.51 -4.67
CA TYR B 136 6.22 8.63 -6.01
C TYR B 136 5.67 10.03 -6.24
N ASP B 137 5.06 10.62 -5.22
CA ASP B 137 4.57 12.00 -5.35
C ASP B 137 5.71 12.97 -5.59
N GLU B 138 6.85 12.73 -4.95
CA GLU B 138 8.01 13.61 -5.15
C GLU B 138 8.59 13.44 -6.55
N CYS B 139 8.60 12.22 -7.07
CA CYS B 139 9.06 11.99 -8.43
C CYS B 139 8.10 12.60 -9.45
N LYS B 140 6.80 12.48 -9.20
CA LYS B 140 5.81 13.00 -10.14
C LYS B 140 5.79 14.53 -10.16
N ARG B 141 6.02 15.16 -9.01
CA ARG B 141 6.02 16.62 -8.94
C ARG B 141 7.28 17.21 -9.54
N ARG B 142 8.45 16.66 -9.19
CA ARG B 142 9.72 17.24 -9.61
C ARG B 142 10.25 16.65 -10.90
N TYR B 143 9.72 15.52 -11.36
CA TYR B 143 10.16 14.93 -12.61
C TYR B 143 9.00 14.31 -13.38
N ASN B 144 8.95 12.98 -13.46
CA ASN B 144 7.87 12.31 -14.17
C ASN B 144 7.70 10.90 -13.62
N ILE B 145 6.65 10.23 -14.10
CA ILE B 145 6.34 8.89 -13.62
C ILE B 145 7.38 7.89 -14.08
N LYS B 146 7.91 8.08 -15.29
CA LYS B 146 8.90 7.14 -15.82
C LYS B 146 10.16 7.08 -14.96
N LEU B 147 10.55 8.20 -14.35
CA LEU B 147 11.71 8.19 -13.47
C LEU B 147 11.44 7.41 -12.20
N TRP B 148 10.19 7.42 -11.72
CA TRP B 148 9.84 6.61 -10.56
C TRP B 148 9.96 5.12 -10.87
N LYS B 149 9.51 4.70 -12.05
CA LYS B 149 9.64 3.30 -12.44
C LYS B 149 11.09 2.91 -12.61
N THR B 150 11.96 3.85 -13.00
CA THR B 150 13.39 3.58 -13.07
C THR B 150 13.97 3.35 -11.68
N PHE B 151 13.53 4.14 -10.69
CA PHE B 151 13.95 3.89 -9.32
C PHE B 151 13.49 2.53 -8.84
N THR B 152 12.26 2.13 -9.21
CA THR B 152 11.76 0.83 -8.82
C THR B 152 12.62 -0.29 -9.39
N ASP B 153 13.00 -0.18 -10.66
CA ASP B 153 13.86 -1.19 -11.27
C ASP B 153 15.24 -1.22 -10.63
N CYS B 154 15.69 -0.07 -10.11
CA CYS B 154 16.98 -0.04 -9.41
C CYS B 154 16.85 -0.59 -7.98
N PHE B 155 15.76 -0.23 -7.29
CA PHE B 155 15.56 -0.71 -5.93
C PHE B 155 15.40 -2.23 -5.88
N ASN B 156 14.83 -2.82 -6.93
CA ASN B 156 14.60 -4.26 -6.96
C ASN B 156 15.89 -5.06 -7.05
N CYS B 157 17.04 -4.42 -7.21
CA CYS B 157 18.32 -5.10 -7.26
C CYS B 157 19.19 -4.84 -6.02
N LEU B 158 18.68 -4.08 -5.05
CA LEU B 158 19.46 -3.79 -3.86
C LEU B 158 19.71 -5.06 -3.06
N PRO B 159 20.86 -5.20 -2.41
CA PRO B 159 21.09 -6.35 -1.54
C PRO B 159 20.18 -6.32 -0.33
N ILE B 160 19.97 -7.50 0.25
CA ILE B 160 18.98 -7.68 1.29
C ILE B 160 19.61 -7.70 2.68
N ALA B 161 20.79 -8.31 2.80
CA ALA B 161 21.43 -8.44 4.11
C ALA B 161 22.94 -8.29 3.95
N ALA B 162 23.62 -8.21 5.09
CA ALA B 162 25.07 -8.04 5.12
C ALA B 162 25.61 -8.68 6.40
N ILE B 163 26.81 -9.24 6.29
CA ILE B 163 27.50 -9.86 7.42
C ILE B 163 28.89 -9.24 7.51
N VAL B 164 29.21 -8.67 8.67
CA VAL B 164 30.47 -7.96 8.89
C VAL B 164 31.41 -8.89 9.65
N ASP B 165 32.47 -9.33 9.00
CA ASP B 165 33.52 -10.15 9.62
C ASP B 165 32.95 -11.44 10.20
N GLU B 166 31.93 -12.00 9.56
CA GLU B 166 31.29 -13.26 9.99
C GLU B 166 30.78 -13.20 11.43
N LYS B 167 30.55 -12.00 11.96
CA LYS B 167 30.16 -11.84 13.35
C LYS B 167 29.01 -10.88 13.59
N ILE B 168 28.75 -9.93 12.68
CA ILE B 168 27.66 -8.99 12.82
C ILE B 168 26.71 -9.16 11.63
N PHE B 169 25.49 -9.59 11.91
CA PHE B 169 24.48 -9.79 10.88
C PHE B 169 23.65 -8.52 10.73
N CYS B 170 23.46 -8.08 9.49
CA CYS B 170 22.80 -6.81 9.21
C CYS B 170 21.67 -7.01 8.21
N CYS B 171 20.51 -6.45 8.55
CA CYS B 171 19.36 -6.40 7.64
C CYS B 171 18.48 -5.25 8.11
N HIS B 172 17.46 -4.94 7.31
CA HIS B 172 16.59 -3.82 7.67
C HIS B 172 15.64 -4.20 8.80
N GLY B 173 14.75 -5.16 8.55
CA GLY B 173 13.77 -5.55 9.54
C GLY B 173 14.32 -6.44 10.63
N GLY B 174 14.45 -7.74 10.33
CA GLY B 174 14.97 -8.68 11.30
C GLY B 174 14.97 -10.11 10.82
N LEU B 175 14.84 -11.04 11.75
CA LEU B 175 14.94 -12.46 11.45
C LEU B 175 13.66 -12.97 10.80
N SER B 176 13.73 -14.21 10.30
CA SER B 176 12.61 -14.86 9.64
C SER B 176 12.46 -16.28 10.17
N PRO B 177 11.23 -16.76 10.34
CA PRO B 177 11.03 -18.16 10.73
C PRO B 177 11.40 -19.16 9.65
N ASP B 178 11.69 -18.70 8.43
CA ASP B 178 12.13 -19.56 7.35
C ASP B 178 13.62 -19.39 7.04
N LEU B 179 14.38 -18.77 7.95
CA LEU B 179 15.80 -18.55 7.76
C LEU B 179 16.56 -19.58 8.58
N GLN B 180 16.93 -20.69 7.94
CA GLN B 180 17.75 -21.72 8.55
C GLN B 180 19.19 -21.70 8.04
N SER B 181 19.39 -21.44 6.75
CA SER B 181 20.70 -21.41 6.14
C SER B 181 20.92 -20.07 5.47
N MET B 182 22.14 -19.55 5.58
CA MET B 182 22.50 -18.32 4.89
C MET B 182 22.43 -18.47 3.37
N GLU B 183 22.49 -19.71 2.86
CA GLU B 183 22.33 -19.96 1.44
C GLU B 183 20.93 -19.61 0.95
N GLN B 184 19.93 -19.64 1.84
CA GLN B 184 18.58 -19.23 1.44
C GLN B 184 18.55 -17.76 1.03
N ILE B 185 19.38 -16.93 1.65
CA ILE B 185 19.48 -15.53 1.24
C ILE B 185 20.21 -15.40 -0.09
N ARG B 186 21.33 -16.12 -0.24
CA ARG B 186 22.09 -16.09 -1.48
C ARG B 186 21.31 -16.71 -2.64
N ARG B 187 20.36 -17.60 -2.35
CA ARG B 187 19.52 -18.19 -3.40
C ARG B 187 18.58 -17.17 -4.04
N ILE B 188 18.28 -16.07 -3.33
CA ILE B 188 17.33 -15.09 -3.85
C ILE B 188 17.83 -14.53 -5.17
N MET B 189 16.98 -14.57 -6.19
CA MET B 189 17.32 -14.05 -7.50
C MET B 189 16.86 -12.61 -7.64
N ARG B 190 17.68 -11.81 -8.32
CA ARG B 190 17.38 -10.41 -8.58
C ARG B 190 17.33 -10.16 -10.09
N PRO B 191 16.53 -9.18 -10.55
CA PRO B 191 15.68 -8.29 -9.76
C PRO B 191 14.41 -8.97 -9.25
N THR B 192 13.90 -8.50 -8.11
CA THR B 192 12.71 -9.09 -7.52
C THR B 192 11.94 -8.04 -6.74
N ASP B 193 10.63 -8.20 -6.71
CA ASP B 193 9.79 -7.44 -5.81
C ASP B 193 9.81 -8.08 -4.42
N VAL B 194 9.33 -7.34 -3.43
CA VAL B 194 9.25 -7.82 -2.05
C VAL B 194 7.93 -8.57 -1.90
N PRO B 195 7.94 -9.88 -1.66
CA PRO B 195 6.68 -10.62 -1.54
C PRO B 195 5.90 -10.20 -0.31
N ASP B 196 4.62 -10.53 -0.33
CA ASP B 196 3.78 -10.33 0.86
C ASP B 196 4.10 -11.30 1.98
N GLN B 197 4.90 -12.33 1.73
CA GLN B 197 5.18 -13.35 2.74
C GLN B 197 6.45 -14.08 2.35
N GLY B 198 7.15 -14.61 3.34
CA GLY B 198 8.35 -15.37 3.05
C GLY B 198 9.64 -14.84 3.62
N LEU B 199 10.76 -15.43 3.19
CA LEU B 199 12.07 -15.06 3.72
C LEU B 199 12.40 -13.60 3.43
N LEU B 200 12.27 -13.19 2.16
CA LEU B 200 12.61 -11.83 1.77
C LEU B 200 11.72 -10.81 2.47
N CYS B 201 10.43 -11.12 2.62
CA CYS B 201 9.51 -10.20 3.27
C CYS B 201 9.87 -9.99 4.74
N ASP B 202 10.16 -11.07 5.45
CA ASP B 202 10.44 -10.97 6.88
C ASP B 202 11.75 -10.23 7.15
N LEU B 203 12.76 -10.39 6.29
CA LEU B 203 14.01 -9.70 6.49
C LEU B 203 13.87 -8.18 6.40
N LEU B 204 12.79 -7.70 5.81
CA LEU B 204 12.57 -6.26 5.63
C LEU B 204 11.44 -5.72 6.49
N TRP B 205 10.73 -6.57 7.23
CA TRP B 205 9.52 -6.12 7.92
C TRP B 205 9.46 -6.53 9.39
N SER B 206 10.08 -7.64 9.74
CA SER B 206 9.91 -8.18 11.09
C SER B 206 10.51 -7.25 12.14
N ASP B 207 10.06 -7.42 13.38
CA ASP B 207 10.44 -6.57 14.50
C ASP B 207 10.68 -7.42 15.73
N PRO B 208 11.56 -6.98 16.63
CA PRO B 208 11.67 -7.62 17.94
C PRO B 208 10.82 -6.92 18.99
N ASP B 209 10.38 -7.70 19.97
CA ASP B 209 9.68 -7.14 21.12
C ASP B 209 9.86 -8.08 22.30
N LYS B 210 9.83 -7.51 23.50
CA LYS B 210 10.13 -8.28 24.69
C LYS B 210 9.02 -9.28 25.03
N ASP B 211 7.77 -8.86 24.89
CA ASP B 211 6.64 -9.62 25.41
C ASP B 211 6.18 -10.71 24.46
N VAL B 212 7.11 -11.33 23.74
CA VAL B 212 6.80 -12.42 22.81
C VAL B 212 7.92 -13.45 22.88
N GLN B 213 7.54 -14.72 22.96
CA GLN B 213 8.46 -15.84 22.83
C GLN B 213 8.29 -16.48 21.47
N GLY B 214 9.39 -16.93 20.88
CA GLY B 214 9.34 -17.53 19.55
C GLY B 214 8.90 -16.55 18.49
N TRP B 215 7.70 -16.74 17.94
CA TRP B 215 7.21 -15.92 16.85
C TRP B 215 5.74 -15.57 17.07
N GLY B 216 5.38 -14.33 16.75
CA GLY B 216 4.02 -13.87 16.89
C GLY B 216 3.63 -12.97 15.74
N GLU B 217 2.35 -12.61 15.71
CA GLU B 217 1.83 -11.76 14.65
C GLU B 217 2.29 -10.31 14.86
N ASN B 218 2.78 -9.68 13.79
CA ASN B 218 3.29 -8.32 13.86
C ASN B 218 2.16 -7.32 13.71
N ASP B 219 2.20 -6.27 14.53
CA ASP B 219 1.15 -5.25 14.52
C ASP B 219 1.08 -4.50 13.20
N ARG B 220 2.14 -4.53 12.39
CA ARG B 220 2.11 -3.89 11.09
C ARG B 220 1.17 -4.57 10.11
N GLY B 221 0.72 -5.79 10.42
CA GLY B 221 -0.04 -6.59 9.48
C GLY B 221 0.80 -7.37 8.50
N VAL B 222 2.12 -7.21 8.55
CA VAL B 222 3.06 -7.90 7.67
C VAL B 222 4.11 -8.60 8.53
N SER B 223 4.55 -9.77 8.06
CA SER B 223 5.66 -10.53 8.67
C SER B 223 5.30 -10.91 10.11
N PHE B 224 6.33 -11.10 10.93
CA PHE B 224 6.17 -11.62 12.29
C PHE B 224 6.95 -10.74 13.27
N THR B 225 6.84 -11.09 14.55
CA THR B 225 7.70 -10.56 15.60
C THR B 225 8.48 -11.71 16.21
N PHE B 226 9.59 -11.39 16.88
CA PHE B 226 10.42 -12.42 17.50
C PHE B 226 10.94 -11.91 18.83
N GLY B 227 11.21 -12.85 19.74
CA GLY B 227 11.64 -12.55 21.08
C GLY B 227 13.14 -12.71 21.28
N ALA B 228 13.56 -12.61 22.54
CA ALA B 228 14.98 -12.64 22.87
C ALA B 228 15.58 -14.02 22.68
N GLU B 229 14.82 -15.08 22.93
CA GLU B 229 15.36 -16.43 22.79
C GLU B 229 15.62 -16.78 21.33
N VAL B 230 14.83 -16.22 20.40
CA VAL B 230 15.10 -16.41 18.99
C VAL B 230 16.42 -15.75 18.59
N VAL B 231 16.70 -14.58 19.16
CA VAL B 231 17.95 -13.88 18.87
C VAL B 231 19.13 -14.69 19.36
N ALA B 232 19.06 -15.20 20.59
CA ALA B 232 20.17 -15.95 21.16
C ALA B 232 20.41 -17.25 20.40
N LYS B 233 19.34 -17.96 20.03
CA LYS B 233 19.50 -19.22 19.31
C LYS B 233 20.07 -18.98 17.91
N PHE B 234 19.64 -17.90 17.25
CA PHE B 234 20.15 -17.60 15.92
C PHE B 234 21.62 -17.19 15.97
N LEU B 235 22.01 -16.44 17.01
CA LEU B 235 23.41 -16.01 17.11
C LEU B 235 24.35 -17.19 17.31
N HIS B 236 23.99 -18.11 18.20
CA HIS B 236 24.87 -19.24 18.49
C HIS B 236 24.94 -20.21 17.32
N LYS B 237 23.83 -20.41 16.61
CA LYS B 237 23.81 -21.38 15.52
C LYS B 237 24.76 -20.99 14.40
N HIS B 238 24.84 -19.70 14.08
CA HIS B 238 25.71 -19.21 13.03
C HIS B 238 26.95 -18.51 13.56
N ASP B 239 27.22 -18.62 14.86
CA ASP B 239 28.43 -18.06 15.48
C ASP B 239 28.55 -16.57 15.23
N LEU B 240 27.46 -15.84 15.50
CA LEU B 240 27.42 -14.40 15.38
C LEU B 240 27.33 -13.77 16.76
N ASP B 241 27.79 -12.54 16.88
CA ASP B 241 27.82 -11.84 18.16
C ASP B 241 26.72 -10.79 18.31
N LEU B 242 26.18 -10.27 17.20
CA LEU B 242 25.23 -9.17 17.30
C LEU B 242 24.47 -9.04 15.98
N ILE B 243 23.17 -8.76 16.10
CA ILE B 243 22.32 -8.46 14.95
CA ILE B 243 22.33 -8.47 14.94
C ILE B 243 22.10 -6.97 14.89
N CYS B 244 22.31 -6.37 13.72
CA CYS B 244 22.15 -4.94 13.52
C CYS B 244 21.01 -4.70 12.53
N ARG B 245 19.98 -3.99 12.98
CA ARG B 245 18.83 -3.72 12.13
C ARG B 245 18.29 -2.32 12.45
N ALA B 246 17.19 -1.96 11.79
CA ALA B 246 16.62 -0.63 11.90
C ALA B 246 15.09 -0.71 11.98
N HIS B 247 14.42 -0.11 10.99
CA HIS B 247 13.00 -0.34 10.72
C HIS B 247 12.07 0.25 11.77
N GLN B 248 12.59 0.58 12.96
CA GLN B 248 11.78 1.14 14.04
C GLN B 248 12.44 2.38 14.59
N VAL B 249 11.64 3.44 14.77
CA VAL B 249 12.16 4.66 15.40
C VAL B 249 12.33 4.43 16.89
N VAL B 250 13.50 4.80 17.40
CA VAL B 250 13.84 4.58 18.81
C VAL B 250 14.23 5.91 19.42
N GLU B 251 14.15 5.95 20.76
CA GLU B 251 14.27 7.23 21.47
C GLU B 251 15.67 7.82 21.34
N ASP B 252 16.70 7.01 21.58
CA ASP B 252 18.08 7.49 21.58
C ASP B 252 18.77 7.33 20.23
N GLY B 253 18.03 6.98 19.18
CA GLY B 253 18.63 6.61 17.91
C GLY B 253 19.19 5.20 17.88
N TYR B 254 19.47 4.61 19.03
CA TYR B 254 19.87 3.21 19.15
C TYR B 254 19.07 2.59 20.29
N GLU B 255 18.99 1.26 20.26
CA GLU B 255 18.29 0.53 21.33
C GLU B 255 18.77 -0.91 21.33
N PHE B 256 19.25 -1.36 22.49
CA PHE B 256 19.70 -2.74 22.62
C PHE B 256 18.52 -3.67 22.91
N PHE B 257 18.75 -4.96 22.68
CA PHE B 257 17.73 -5.97 22.89
C PHE B 257 18.41 -7.32 23.09
N ALA B 258 17.87 -8.11 24.03
CA ALA B 258 18.38 -9.44 24.34
C ALA B 258 19.83 -9.38 24.83
N LYS B 259 20.09 -8.47 25.76
CA LYS B 259 21.42 -8.29 26.36
C LYS B 259 22.48 -8.01 25.30
N ARG B 260 22.29 -6.90 24.58
CA ARG B 260 23.22 -6.42 23.56
C ARG B 260 23.49 -7.44 22.47
N GLN B 261 22.57 -8.39 22.28
CA GLN B 261 22.64 -9.31 21.15
C GLN B 261 21.98 -8.75 19.90
N LEU B 262 21.10 -7.76 20.06
CA LEU B 262 20.46 -7.07 18.94
C LEU B 262 20.46 -5.58 19.23
N VAL B 263 20.62 -4.79 18.17
CA VAL B 263 20.61 -3.33 18.27
C VAL B 263 19.78 -2.78 17.12
N THR B 264 18.96 -1.77 17.43
CA THR B 264 18.10 -1.12 16.44
C THR B 264 18.61 0.29 16.21
N LEU B 265 18.94 0.61 14.97
CA LEU B 265 19.50 1.90 14.60
C LEU B 265 18.48 2.74 13.85
N PHE B 266 18.41 4.02 14.19
CA PHE B 266 17.53 4.96 13.51
C PHE B 266 18.26 6.28 13.39
N SER B 267 18.47 6.74 12.15
CA SER B 267 19.32 7.89 11.88
C SER B 267 18.54 9.11 11.42
N ALA B 268 17.21 9.12 11.58
CA ALA B 268 16.41 10.28 11.21
C ALA B 268 15.91 10.97 12.46
N PRO B 269 16.57 12.02 12.94
CA PRO B 269 16.13 12.68 14.18
C PRO B 269 14.84 13.45 13.99
N ASN B 270 14.04 13.48 15.07
CA ASN B 270 12.71 14.09 15.06
C ASN B 270 11.87 13.60 13.87
N TYR B 271 11.93 12.30 13.64
CA TYR B 271 11.16 11.65 12.59
C TYR B 271 9.66 11.71 12.91
N CYS B 272 9.26 11.03 13.97
CA CYS B 272 7.87 11.07 14.41
C CYS B 272 7.65 12.30 15.29
N GLY B 273 6.72 13.15 14.89
CA GLY B 273 6.41 14.34 15.68
C GLY B 273 5.95 14.01 17.08
N GLU B 274 5.12 12.96 17.21
CA GLU B 274 4.56 12.51 18.49
C GLU B 274 5.57 12.55 19.63
N PHE B 275 6.55 11.65 19.61
CA PHE B 275 7.66 11.68 20.56
C PHE B 275 8.93 12.02 19.79
N ASP B 276 9.60 13.10 20.21
CA ASP B 276 10.83 13.51 19.55
C ASP B 276 11.92 12.47 19.77
N ASN B 277 12.77 12.29 18.76
CA ASN B 277 13.82 11.28 18.80
C ASN B 277 15.10 11.86 18.24
N ALA B 278 16.20 11.19 18.54
CA ALA B 278 17.50 11.52 18.00
C ALA B 278 17.94 10.45 17.02
N GLY B 279 18.96 10.78 16.22
CA GLY B 279 19.55 9.84 15.29
C GLY B 279 20.89 9.35 15.81
N ALA B 280 21.22 8.10 15.47
CA ALA B 280 22.46 7.49 15.92
C ALA B 280 23.14 6.78 14.77
N MET B 281 24.45 6.65 14.88
CA MET B 281 25.28 5.97 13.89
C MET B 281 26.30 5.11 14.62
N MET B 282 26.35 3.83 14.27
CA MET B 282 27.21 2.88 14.97
C MET B 282 28.56 2.79 14.26
N SER B 283 29.62 3.12 14.98
CA SER B 283 30.98 3.08 14.45
CA SER B 283 30.98 3.08 14.45
C SER B 283 31.66 1.80 14.92
N VAL B 284 32.07 0.97 13.96
CA VAL B 284 32.74 -0.30 14.24
C VAL B 284 34.17 -0.19 13.75
N ASP B 285 35.13 -0.36 14.65
CA ASP B 285 36.54 -0.35 14.26
C ASP B 285 36.99 -1.76 13.92
N GLU B 286 38.28 -1.92 13.64
CA GLU B 286 38.79 -3.18 13.10
C GLU B 286 38.65 -4.34 14.08
N THR B 287 38.68 -4.06 15.39
CA THR B 287 38.57 -5.08 16.41
C THR B 287 37.12 -5.40 16.77
N LEU B 288 36.17 -5.02 15.91
CA LEU B 288 34.74 -5.18 16.18
C LEU B 288 34.32 -4.47 17.47
N MET B 289 35.06 -3.42 17.83
CA MET B 289 34.68 -2.56 18.95
C MET B 289 33.75 -1.47 18.44
N CYS B 290 32.58 -1.36 19.07
CA CYS B 290 31.51 -0.52 18.55
C CYS B 290 31.20 0.63 19.50
N SER B 291 30.82 1.76 18.91
CA SER B 291 30.38 2.94 19.64
C SER B 291 29.25 3.58 18.85
N PHE B 292 28.59 4.56 19.46
CA PHE B 292 27.45 5.24 18.86
C PHE B 292 27.71 6.74 18.79
N GLN B 293 27.30 7.35 17.68
CA GLN B 293 27.41 8.79 17.47
C GLN B 293 26.01 9.34 17.31
N ILE B 294 25.55 10.08 18.31
CA ILE B 294 24.17 10.55 18.39
C ILE B 294 24.03 11.88 17.66
N LEU B 295 22.93 12.04 16.93
CA LEU B 295 22.63 13.24 16.17
C LEU B 295 21.36 13.88 16.71
N LYS B 296 21.49 15.03 17.38
CA LYS B 296 20.34 15.75 17.89
C LYS B 296 19.69 16.57 16.77
N PRO B 297 18.40 16.85 16.87
CA PRO B 297 17.72 17.61 15.82
C PRO B 297 18.24 19.04 15.75
N ALA B 298 17.87 19.71 14.65
CA ALA B 298 18.29 21.09 14.42
C ALA B 298 17.08 21.99 14.20
N SER C 5 -37.57 -11.72 -7.59
CA SER C 5 -37.31 -13.06 -8.11
C SER C 5 -35.83 -13.39 -8.08
N LEU C 6 -35.23 -13.45 -9.26
CA LEU C 6 -33.80 -13.69 -9.43
C LEU C 6 -33.24 -12.63 -10.35
N THR C 7 -31.94 -12.38 -10.20
CA THR C 7 -31.24 -11.40 -11.01
C THR C 7 -30.25 -12.03 -11.97
N ILE C 8 -29.70 -13.20 -11.63
CA ILE C 8 -28.54 -13.77 -12.31
C ILE C 8 -29.01 -14.72 -13.40
N LYS C 9 -28.35 -14.65 -14.55
CA LYS C 9 -28.76 -15.42 -15.73
C LYS C 9 -28.14 -16.81 -15.71
N LYS C 17 -32.95 -5.59 -25.92
CA LYS C 17 -33.14 -4.38 -25.12
C LYS C 17 -32.10 -3.33 -25.49
N LYS C 18 -32.38 -2.07 -25.18
CA LYS C 18 -31.45 -0.98 -25.43
C LYS C 18 -31.49 0.00 -24.27
N VAL C 19 -30.33 0.54 -23.93
CA VAL C 19 -30.17 1.43 -22.78
C VAL C 19 -30.50 2.85 -23.21
N GLU C 20 -31.46 3.48 -22.53
CA GLU C 20 -31.78 4.88 -22.71
C GLU C 20 -32.03 5.50 -21.35
N TRP C 21 -32.10 6.82 -21.31
CA TRP C 21 -32.15 7.56 -20.06
C TRP C 21 -33.44 8.37 -19.95
N THR C 22 -33.84 8.64 -18.71
CA THR C 22 -35.06 9.39 -18.45
C THR C 22 -34.84 10.87 -18.76
N SER C 23 -35.94 11.62 -18.71
CA SER C 23 -35.91 13.03 -19.11
C SER C 23 -35.12 13.89 -18.13
N ASP C 24 -35.18 13.57 -16.84
CA ASP C 24 -34.46 14.35 -15.84
C ASP C 24 -32.96 14.11 -15.89
N THR C 25 -32.51 13.04 -16.54
CA THR C 25 -31.09 12.74 -16.63
C THR C 25 -30.41 13.72 -17.58
N VAL C 26 -29.40 14.43 -17.08
CA VAL C 26 -28.65 15.38 -17.89
C VAL C 26 -27.26 14.82 -18.15
N ASP C 27 -26.64 15.30 -19.23
CA ASP C 27 -25.31 14.88 -19.64
C ASP C 27 -24.31 15.90 -19.11
N ASN C 28 -23.61 15.54 -18.03
CA ASN C 28 -22.64 16.42 -17.39
C ASN C 28 -21.21 16.20 -17.90
N GLU C 29 -21.06 15.57 -19.06
CA GLU C 29 -19.72 15.28 -19.57
C GLU C 29 -18.96 16.56 -19.88
N HIS C 30 -19.57 17.47 -20.64
CA HIS C 30 -18.92 18.71 -21.05
C HIS C 30 -19.24 19.87 -20.11
N MET C 31 -19.75 19.59 -18.91
CA MET C 31 -20.10 20.63 -17.96
C MET C 31 -18.96 20.95 -16.99
N GLY C 32 -17.75 20.48 -17.26
CA GLY C 32 -16.61 20.80 -16.42
C GLY C 32 -16.74 20.33 -14.99
N ARG C 33 -17.48 19.26 -14.76
CA ARG C 33 -17.61 18.72 -13.40
C ARG C 33 -16.27 18.21 -12.90
N ARG C 34 -15.90 18.66 -11.69
CA ARG C 34 -14.62 18.29 -11.10
C ARG C 34 -14.63 16.85 -10.63
N SER C 35 -13.49 16.19 -10.79
CA SER C 35 -13.32 14.80 -10.37
C SER C 35 -11.90 14.59 -9.87
N SER C 36 -11.77 13.74 -8.85
CA SER C 36 -10.50 13.43 -8.24
C SER C 36 -10.32 11.92 -8.18
N LYS C 37 -9.07 11.48 -8.33
CA LYS C 37 -8.76 10.05 -8.26
C LYS C 37 -8.44 9.58 -6.85
N CYS C 38 -8.00 10.47 -5.97
CA CYS C 38 -7.71 10.13 -4.58
C CYS C 38 -7.74 11.41 -3.75
N CYS C 39 -7.26 11.30 -2.51
CA CYS C 39 -7.21 12.46 -1.61
C CYS C 39 -6.06 12.31 -0.62
N LYS D 17 37.40 -10.15 16.26
CA LYS D 17 36.79 -11.47 16.20
C LYS D 17 35.67 -11.61 17.23
N LYS D 18 35.52 -10.58 18.06
CA LYS D 18 34.51 -10.54 19.11
C LYS D 18 34.01 -9.11 19.26
N VAL D 19 32.70 -8.95 19.32
CA VAL D 19 32.09 -7.62 19.38
C VAL D 19 32.15 -7.10 20.81
N GLU D 20 32.53 -5.83 20.96
CA GLU D 20 32.57 -5.18 22.26
C GLU D 20 32.13 -3.73 22.13
N TRP D 21 31.86 -3.15 23.30
CA TRP D 21 31.64 -1.73 23.53
C TRP D 21 32.66 -1.44 24.63
N THR D 22 33.46 -0.37 24.53
CA THR D 22 33.14 1.07 24.60
C THR D 22 32.34 1.31 25.89
N SER D 23 33.01 1.92 26.88
CA SER D 23 32.48 2.09 28.23
C SER D 23 31.49 3.23 28.37
N ASP D 24 31.53 4.24 27.49
CA ASP D 24 30.51 5.28 27.48
C ASP D 24 29.22 4.82 26.80
N THR D 25 29.18 3.59 26.28
CA THR D 25 27.97 3.07 25.66
C THR D 25 26.96 2.70 26.74
N VAL D 26 25.81 3.36 26.73
CA VAL D 26 24.76 3.11 27.70
C VAL D 26 23.84 2.02 27.18
N ASP D 27 23.49 1.08 28.06
CA ASP D 27 22.53 0.03 27.73
C ASP D 27 21.13 0.55 28.06
N ASN D 28 20.31 0.73 27.03
CA ASN D 28 18.97 1.29 27.18
C ASN D 28 17.88 0.26 26.92
N GLU D 29 18.17 -1.02 27.18
CA GLU D 29 17.19 -2.07 26.93
C GLU D 29 16.03 -1.97 27.91
N HIS D 30 16.32 -1.91 29.21
CA HIS D 30 15.31 -1.88 30.26
C HIS D 30 15.21 -0.49 30.91
N MET D 31 15.39 0.56 30.12
CA MET D 31 15.37 1.93 30.63
C MET D 31 14.08 2.67 30.29
N GLY D 32 12.99 1.94 30.04
CA GLY D 32 11.70 2.55 29.77
C GLY D 32 11.73 3.50 28.59
N ARG D 33 12.25 3.03 27.46
CA ARG D 33 12.40 3.84 26.27
C ARG D 33 11.20 3.64 25.34
N ARG D 34 10.95 4.65 24.52
CA ARG D 34 9.79 4.68 23.64
C ARG D 34 10.20 4.28 22.22
N SER D 35 9.40 3.41 21.61
CA SER D 35 9.59 2.99 20.22
C SER D 35 8.27 3.14 19.48
N SER D 36 8.34 2.96 18.17
CA SER D 36 7.15 3.04 17.33
C SER D 36 7.40 2.30 16.04
N LYS D 37 6.43 1.48 15.62
CA LYS D 37 6.57 0.76 14.37
C LYS D 37 6.31 1.68 13.19
N CYS D 38 5.22 2.43 13.24
CA CYS D 38 4.87 3.35 12.15
C CYS D 38 3.80 4.32 12.63
N CYS D 39 3.96 5.58 12.22
CA CYS D 39 2.90 6.59 12.33
C CYS D 39 2.13 6.72 11.03
N CYS D 40 1.98 5.63 10.29
CA CYS D 40 1.37 5.60 8.96
C CYS D 40 0.02 6.31 8.89
MN MN E . -12.51 4.46 -4.09
MN MN F . -11.36 2.54 -6.14
MN MN G . 11.35 0.22 7.62
MN MN H . 11.38 3.14 8.34
#